data_7Z3Q
#
_entry.id   7Z3Q
#
_cell.length_a   156.197
_cell.length_b   156.644
_cell.length_c   95.55
_cell.angle_alpha   90
_cell.angle_beta   90
_cell.angle_gamma   90
#
_symmetry.space_group_name_H-M   'C 2 2 2'
#
loop_
_entity.id
_entity.type
_entity.pdbx_description
1 polymer Leptin
2 polymer 'Leptin receptor'
3 water water
#
loop_
_entity_poly.entity_id
_entity_poly.type
_entity_poly.pdbx_seq_one_letter_code
_entity_poly.pdbx_strand_id
1 'polypeptide(L)'
;AHHHHHHPGGPGSENLYFQGGSTGGVPIQKVQDDTKTLIKTIVTRINDISHTQSVSSKQKVTGLDFIPGLHPILTLSKMD
QTLAVYQQILTSMPSRNVIQISNDLENLRDLLHVLAFSKSCHLPWASGLETLDSLGGVLEASGYSTEVVALSRLQGSLQD
MLWQLDLSPGC
;
A,C,E
2 'polypeptide(L)'
;AHHHHHHPGGPGSENLYFQGGSSGIDVNINISCETDGYLTKMTCRWSTSTIQSLAESTLQLRYHRSSLYCSDIPSIHPIS
EPKDCYLQSDGFYECIFQPIFLLSGYTMWIRIQHSLGSLDSPPTCVLPDSVVKPLPPSSVKAEITINIGLLKISWEKPVF
PENNLQFQIRYGLSGKEVQWKMYEVYDAKSKSVSLPVPDLSAVYAVQVRCKRLDGLGYWSNWSNPAYTVVMD
;
B,D,F
#
# COMPACT_ATOMS: atom_id res chain seq x y z
N VAL A 26 -7.20 29.64 18.20
CA VAL A 26 -6.17 28.59 18.31
C VAL A 26 -4.97 28.91 17.42
N PRO A 27 -3.76 29.03 18.02
CA PRO A 27 -2.57 29.34 17.21
C PRO A 27 -2.08 28.15 16.41
N ILE A 28 -1.58 28.38 15.18
CA ILE A 28 -1.10 27.34 14.26
C ILE A 28 0.16 26.63 14.77
N GLN A 29 1.00 27.33 15.53
CA GLN A 29 2.21 26.74 16.11
C GLN A 29 1.84 25.68 17.13
N LYS A 30 0.80 25.94 17.94
CA LYS A 30 0.31 25.00 18.93
C LYS A 30 -0.35 23.79 18.27
N VAL A 31 -0.92 23.96 17.06
CA VAL A 31 -1.47 22.87 16.27
C VAL A 31 -0.31 21.94 15.88
N GLN A 32 0.81 22.54 15.44
CA GLN A 32 2.02 21.80 15.08
C GLN A 32 2.64 21.09 16.28
N ASP A 33 2.67 21.78 17.44
CA ASP A 33 3.19 21.22 18.69
C ASP A 33 2.33 20.02 19.11
N ASP A 34 1.01 20.16 18.95
CA ASP A 34 0.04 19.11 19.26
C ASP A 34 0.07 17.98 18.25
N THR A 35 0.49 18.24 16.99
CA THR A 35 0.59 17.18 15.99
C THR A 35 1.80 16.30 16.31
N LYS A 36 2.96 16.93 16.58
CA LYS A 36 4.19 16.22 16.94
C LYS A 36 3.97 15.40 18.21
N THR A 37 3.26 15.98 19.19
CA THR A 37 2.95 15.32 20.45
C THR A 37 2.05 14.12 20.23
N LEU A 38 0.99 14.27 19.41
CA LEU A 38 0.07 13.17 19.12
C LEU A 38 0.81 12.01 18.46
N ILE A 39 1.77 12.30 17.58
CA ILE A 39 2.55 11.25 16.93
C ILE A 39 3.35 10.46 17.97
N LYS A 40 4.06 11.17 18.87
CA LYS A 40 4.84 10.53 19.93
C LYS A 40 3.95 9.62 20.80
N THR A 41 2.72 10.06 21.05
CA THR A 41 1.75 9.31 21.85
C THR A 41 1.41 7.99 21.17
N ILE A 42 1.15 8.02 19.85
CA ILE A 42 0.82 6.81 19.11
C ILE A 42 2.00 5.85 19.02
N VAL A 43 3.21 6.40 18.87
CA VAL A 43 4.42 5.60 18.83
C VAL A 43 4.62 4.89 20.18
N THR A 44 4.38 5.61 21.28
CA THR A 44 4.47 5.08 22.63
C THR A 44 3.38 4.04 22.89
N ARG A 45 2.19 4.25 22.32
CA ARG A 45 1.08 3.30 22.43
C ARG A 45 1.46 1.97 21.81
N ILE A 46 2.16 2.00 20.66
CA ILE A 46 2.59 0.83 19.92
C ILE A 46 3.60 -0.02 20.69
N ASN A 47 4.63 0.62 21.25
CA ASN A 47 5.66 -0.12 21.98
C ASN A 47 5.16 -0.63 23.34
N ASP A 48 4.13 0.01 23.91
CA ASP A 48 3.54 -0.44 25.16
C ASP A 48 2.77 -1.75 24.94
N ILE A 49 2.16 -1.93 23.74
CA ILE A 49 1.46 -3.16 23.35
C ILE A 49 2.48 -4.33 23.39
N SER A 50 3.68 -4.08 22.80
CA SER A 50 4.82 -4.99 22.70
C SER A 50 5.73 -4.94 23.96
N THR A 75 3.44 17.48 0.63
CA THR A 75 4.10 16.79 1.74
C THR A 75 3.06 16.22 2.68
N LEU A 76 2.12 17.07 3.09
CA LEU A 76 1.02 16.71 3.97
C LEU A 76 0.04 15.78 3.28
N SER A 77 -0.03 15.80 1.95
CA SER A 77 -0.89 14.93 1.17
C SER A 77 -0.42 13.48 1.27
N LYS A 78 0.90 13.24 1.17
CA LYS A 78 1.42 11.87 1.26
C LYS A 78 1.31 11.33 2.67
N MET A 79 1.49 12.20 3.68
CA MET A 79 1.33 11.78 5.06
C MET A 79 -0.12 11.33 5.30
N ASP A 80 -1.09 12.12 4.79
CA ASP A 80 -2.51 11.84 4.90
C ASP A 80 -2.89 10.57 4.16
N GLN A 81 -2.37 10.39 2.94
CA GLN A 81 -2.61 9.21 2.12
C GLN A 81 -2.09 7.95 2.82
N THR A 82 -0.96 8.06 3.52
CA THR A 82 -0.39 6.92 4.25
C THR A 82 -1.27 6.53 5.43
N LEU A 83 -1.69 7.53 6.22
CA LEU A 83 -2.55 7.28 7.37
C LEU A 83 -3.86 6.66 6.95
N ALA A 84 -4.41 7.07 5.79
CA ALA A 84 -5.66 6.52 5.28
C ALA A 84 -5.54 5.04 5.03
N VAL A 85 -4.40 4.59 4.48
CA VAL A 85 -4.16 3.18 4.21
C VAL A 85 -4.08 2.39 5.51
N TYR A 86 -3.40 2.95 6.52
CA TYR A 86 -3.28 2.31 7.82
C TYR A 86 -4.62 2.21 8.54
N GLN A 87 -5.47 3.23 8.40
CA GLN A 87 -6.79 3.20 9.02
C GLN A 87 -7.64 2.08 8.47
N GLN A 88 -7.54 1.83 7.16
CA GLN A 88 -8.28 0.74 6.53
C GLN A 88 -7.80 -0.60 7.04
N ILE A 89 -6.50 -0.73 7.31
CA ILE A 89 -5.90 -1.93 7.85
C ILE A 89 -6.39 -2.16 9.27
N LEU A 90 -6.30 -1.13 10.13
CA LEU A 90 -6.75 -1.22 11.51
C LEU A 90 -8.23 -1.51 11.65
N THR A 91 -9.04 -1.09 10.67
CA THR A 91 -10.47 -1.36 10.72
C THR A 91 -10.77 -2.86 10.49
N SER A 92 -9.87 -3.58 9.79
CA SER A 92 -10.03 -5.02 9.57
C SER A 92 -9.50 -5.89 10.73
N MET A 93 -8.89 -5.28 11.76
CA MET A 93 -8.34 -6.01 12.90
C MET A 93 -8.67 -5.28 14.22
N PRO A 94 -9.96 -5.14 14.57
CA PRO A 94 -10.29 -4.42 15.81
C PRO A 94 -9.91 -5.13 17.10
N SER A 95 -9.39 -4.36 18.05
CA SER A 95 -8.98 -4.79 19.37
C SER A 95 -9.03 -3.57 20.32
N ARG A 96 -8.85 -3.78 21.63
CA ARG A 96 -8.87 -2.71 22.61
C ARG A 96 -7.87 -1.59 22.29
N ASN A 97 -6.66 -1.96 21.88
CA ASN A 97 -5.60 -0.99 21.56
C ASN A 97 -5.78 -0.40 20.17
N VAL A 98 -6.11 -1.23 19.16
CA VAL A 98 -6.29 -0.81 17.77
C VAL A 98 -7.39 0.23 17.65
N ILE A 99 -8.50 0.03 18.35
CA ILE A 99 -9.61 0.97 18.29
C ILE A 99 -9.18 2.33 18.83
N GLN A 100 -8.41 2.34 19.91
CA GLN A 100 -7.90 3.58 20.46
C GLN A 100 -6.93 4.24 19.48
N ILE A 101 -6.01 3.46 18.90
CA ILE A 101 -5.04 3.95 17.91
C ILE A 101 -5.73 4.51 16.67
N SER A 102 -6.77 3.82 16.20
CA SER A 102 -7.55 4.21 15.03
C SER A 102 -8.21 5.58 15.24
N ASN A 103 -8.64 5.88 16.49
CA ASN A 103 -9.23 7.17 16.86
C ASN A 103 -8.15 8.25 16.79
N ASP A 104 -6.95 7.96 17.29
CA ASP A 104 -5.85 8.90 17.25
C ASP A 104 -5.45 9.19 15.80
N LEU A 105 -5.49 8.18 14.94
CA LEU A 105 -5.16 8.33 13.54
C LEU A 105 -6.12 9.31 12.87
N GLU A 106 -7.39 9.30 13.27
CA GLU A 106 -8.42 10.20 12.77
C GLU A 106 -8.09 11.64 13.17
N ASN A 107 -7.63 11.84 14.43
CA ASN A 107 -7.23 13.14 14.95
C ASN A 107 -5.98 13.65 14.25
N LEU A 108 -5.07 12.74 13.87
CA LEU A 108 -3.84 13.13 13.19
C LEU A 108 -4.12 13.57 11.76
N ARG A 109 -5.06 12.89 11.08
CA ARG A 109 -5.43 13.25 9.72
C ARG A 109 -6.07 14.63 9.69
N ASP A 110 -6.92 14.93 10.68
CA ASP A 110 -7.57 16.24 10.76
C ASP A 110 -6.53 17.33 10.99
N LEU A 111 -5.56 17.07 11.88
CA LEU A 111 -4.47 18.01 12.16
C LEU A 111 -3.64 18.28 10.91
N LEU A 112 -3.49 17.29 10.04
CA LEU A 112 -2.76 17.43 8.79
C LEU A 112 -3.53 18.36 7.83
N HIS A 113 -4.87 18.26 7.83
CA HIS A 113 -5.74 19.09 6.98
C HIS A 113 -5.80 20.51 7.48
N VAL A 114 -5.76 20.71 8.81
CA VAL A 114 -5.74 22.05 9.40
C VAL A 114 -4.48 22.79 8.96
N LEU A 115 -3.34 22.09 8.94
CA LEU A 115 -2.07 22.65 8.54
C LEU A 115 -2.00 23.01 7.06
N ALA A 116 -2.64 22.22 6.22
CA ALA A 116 -2.62 22.47 4.78
C ALA A 116 -3.40 23.72 4.43
N PHE A 117 -4.58 23.91 5.03
CA PHE A 117 -5.41 25.05 4.67
C PHE A 117 -4.98 26.35 5.37
N SER A 118 -4.25 26.26 6.50
CA SER A 118 -3.78 27.48 7.16
C SER A 118 -2.52 28.06 6.51
N LYS A 119 -1.53 27.20 6.23
CA LYS A 119 -0.20 27.52 5.70
C LYS A 119 0.63 28.39 6.65
N SER A 145 2.15 -11.99 15.50
CA SER A 145 0.75 -11.66 15.27
C SER A 145 0.64 -10.61 14.17
N THR A 146 -0.40 -10.70 13.31
CA THR A 146 -0.58 -9.68 12.27
C THR A 146 -0.81 -8.29 12.89
N GLU A 147 -1.44 -8.25 14.05
CA GLU A 147 -1.67 -7.00 14.75
C GLU A 147 -0.34 -6.34 15.12
N VAL A 148 0.64 -7.14 15.57
CA VAL A 148 1.94 -6.60 15.95
C VAL A 148 2.74 -6.15 14.72
N VAL A 149 2.67 -6.91 13.63
CA VAL A 149 3.38 -6.59 12.40
C VAL A 149 2.84 -5.31 11.78
N ALA A 150 1.50 -5.17 11.73
CA ALA A 150 0.83 -4.00 11.17
C ALA A 150 1.14 -2.72 11.95
N LEU A 151 1.13 -2.83 13.27
CA LEU A 151 1.43 -1.69 14.13
C LEU A 151 2.91 -1.35 14.12
N SER A 152 3.78 -2.33 13.85
CA SER A 152 5.22 -2.11 13.76
C SER A 152 5.56 -1.30 12.52
N ARG A 153 4.88 -1.55 11.42
CA ARG A 153 5.10 -0.79 10.19
C ARG A 153 4.59 0.63 10.38
N LEU A 154 3.40 0.77 10.99
CA LEU A 154 2.78 2.04 11.29
C LEU A 154 3.68 2.90 12.15
N GLN A 155 4.35 2.29 13.15
CA GLN A 155 5.29 3.00 14.01
C GLN A 155 6.44 3.60 13.19
N GLY A 156 6.91 2.86 12.20
CA GLY A 156 7.97 3.32 11.32
C GLY A 156 7.53 4.55 10.53
N SER A 157 6.35 4.47 9.93
CA SER A 157 5.80 5.58 9.17
C SER A 157 5.60 6.81 10.04
N LEU A 158 5.10 6.61 11.27
CA LEU A 158 4.87 7.68 12.23
C LEU A 158 6.15 8.37 12.64
N GLN A 159 7.19 7.59 12.94
CA GLN A 159 8.48 8.16 13.29
C GLN A 159 9.08 8.93 12.13
N ASP A 160 8.77 8.54 10.89
CA ASP A 160 9.21 9.20 9.68
C ASP A 160 8.57 10.60 9.60
N MET A 161 7.27 10.68 9.86
CA MET A 161 6.56 11.96 9.81
C MET A 161 7.04 12.87 10.92
N LEU A 162 7.28 12.32 12.10
CA LEU A 162 7.71 13.09 13.27
C LEU A 162 8.91 14.00 13.00
N TRP A 163 9.94 13.50 12.29
CA TRP A 163 11.08 14.38 11.97
C TRP A 163 10.86 15.19 10.71
N GLN A 164 10.02 14.72 9.78
CA GLN A 164 9.75 15.48 8.55
C GLN A 164 8.93 16.73 8.79
N LEU A 165 8.10 16.76 9.84
CA LEU A 165 7.29 17.93 10.17
C LEU A 165 8.18 19.10 10.64
N ASP A 166 9.34 18.81 11.23
CA ASP A 166 10.31 19.81 11.67
C ASP A 166 10.85 20.56 10.44
N LEU A 167 11.12 19.82 9.36
CA LEU A 167 11.58 20.41 8.10
C LEU A 167 10.30 20.90 7.45
N SER A 168 9.96 22.17 7.71
CA SER A 168 8.72 22.77 7.23
C SER A 168 9.01 24.00 6.37
N ASP B 26 33.67 24.92 5.70
CA ASP B 26 33.78 23.47 5.87
C ASP B 26 33.56 22.69 4.54
N VAL B 27 33.91 21.39 4.54
CA VAL B 27 33.86 20.45 3.41
C VAL B 27 32.65 20.63 2.48
N ASN B 28 32.93 20.79 1.18
CA ASN B 28 31.87 20.94 0.19
C ASN B 28 32.24 20.22 -1.09
N ILE B 29 31.33 19.33 -1.53
CA ILE B 29 31.44 18.51 -2.74
C ILE B 29 30.23 18.79 -3.63
N ASN B 30 30.47 19.18 -4.89
CA ASN B 30 29.39 19.48 -5.81
C ASN B 30 28.88 18.23 -6.54
N ILE B 31 27.59 17.93 -6.38
CA ILE B 31 26.96 16.79 -7.06
C ILE B 31 26.05 17.34 -8.15
N SER B 32 26.29 16.99 -9.41
CA SER B 32 25.45 17.45 -10.51
C SER B 32 24.77 16.26 -11.17
N CYS B 33 23.49 16.38 -11.50
CA CYS B 33 22.75 15.26 -12.10
C CYS B 33 22.16 15.62 -13.45
N GLU B 34 21.92 14.61 -14.28
CA GLU B 34 21.35 14.81 -15.61
C GLU B 34 20.49 13.62 -16.00
N THR B 35 19.24 13.87 -16.37
CA THR B 35 18.33 12.83 -16.83
C THR B 35 18.47 12.70 -18.34
N ASP B 36 18.58 11.47 -18.85
CA ASP B 36 18.74 11.25 -20.29
C ASP B 36 17.51 11.72 -21.09
N GLY B 37 17.71 11.94 -22.40
CA GLY B 37 16.68 12.41 -23.31
C GLY B 37 15.49 11.49 -23.46
N TYR B 38 15.62 10.22 -23.05
CA TYR B 38 14.53 9.25 -23.09
C TYR B 38 13.76 9.12 -21.76
N LEU B 39 14.23 9.82 -20.71
CA LEU B 39 13.63 9.83 -19.37
C LEU B 39 13.61 8.46 -18.70
N THR B 40 14.64 7.63 -18.95
CA THR B 40 14.74 6.29 -18.36
C THR B 40 15.65 6.25 -17.12
N LYS B 41 16.63 7.16 -17.05
CA LYS B 41 17.60 7.18 -15.96
C LYS B 41 18.14 8.58 -15.67
N MET B 42 18.72 8.76 -14.49
CA MET B 42 19.37 10.00 -14.09
C MET B 42 20.79 9.66 -13.68
N THR B 43 21.77 10.34 -14.25
CA THR B 43 23.18 10.09 -13.94
C THR B 43 23.73 11.24 -13.11
N CYS B 44 24.38 10.93 -11.98
CA CYS B 44 24.96 11.96 -11.12
C CYS B 44 26.46 11.86 -11.04
N ARG B 45 27.14 13.01 -10.97
CA ARG B 45 28.60 13.06 -10.93
C ARG B 45 29.12 13.94 -9.82
N TRP B 46 30.28 13.59 -9.31
CA TRP B 46 30.98 14.31 -8.26
C TRP B 46 32.44 13.86 -8.21
N SER B 47 33.31 14.65 -7.56
CA SER B 47 34.72 14.30 -7.49
C SER B 47 35.36 14.66 -6.15
N THR B 48 36.53 14.10 -5.88
CA THR B 48 37.30 14.34 -4.67
C THR B 48 38.09 15.64 -4.75
N SER B 49 37.58 16.69 -4.11
CA SER B 49 38.23 18.00 -4.09
C SER B 49 38.95 18.28 -2.74
N THR B 50 38.61 17.52 -1.68
CA THR B 50 39.19 17.66 -0.35
C THR B 50 40.49 16.87 -0.23
N LEU B 54 40.19 11.37 2.91
CA LEU B 54 41.48 11.95 3.26
C LEU B 54 42.53 10.84 3.57
N ALA B 55 42.80 10.49 4.86
CA ALA B 55 43.80 9.46 5.16
C ALA B 55 43.20 8.03 4.89
N GLU B 56 42.46 7.38 5.84
CA GLU B 56 41.84 6.08 5.58
C GLU B 56 40.32 6.24 5.59
N SER B 57 39.83 7.40 5.10
CA SER B 57 38.42 7.76 5.07
C SER B 57 37.71 7.17 3.87
N THR B 58 36.51 6.66 4.10
CA THR B 58 35.69 6.07 3.05
C THR B 58 34.61 7.06 2.62
N LEU B 59 34.36 7.15 1.31
CA LEU B 59 33.38 8.07 0.74
C LEU B 59 32.19 7.32 0.16
N GLN B 60 30.98 7.83 0.36
CA GLN B 60 29.79 7.14 -0.11
C GLN B 60 28.65 8.12 -0.32
N LEU B 61 28.04 8.11 -1.51
CA LEU B 61 26.90 8.99 -1.78
C LEU B 61 25.67 8.42 -1.09
N ARG B 62 24.93 9.27 -0.37
CA ARG B 62 23.68 8.87 0.25
C ARG B 62 22.56 9.71 -0.36
N TYR B 63 21.35 9.14 -0.39
CA TYR B 63 20.20 9.88 -0.89
C TYR B 63 18.92 9.55 -0.17
N HIS B 64 18.01 10.51 -0.17
CA HIS B 64 16.70 10.35 0.40
C HIS B 64 15.71 10.77 -0.67
N ARG B 65 14.77 9.89 -1.03
CA ARG B 65 13.80 10.21 -2.06
C ARG B 65 12.48 10.69 -1.47
N SER B 66 12.06 11.89 -1.84
CA SER B 66 10.79 12.44 -1.39
C SER B 66 9.65 11.86 -2.25
N SER B 67 8.41 11.93 -1.75
CA SER B 67 7.26 11.40 -2.50
C SER B 67 6.95 12.26 -3.71
N LEU B 68 7.02 13.59 -3.53
CA LEU B 68 6.81 14.55 -4.61
C LEU B 68 7.62 15.81 -4.34
N TYR B 69 8.24 16.35 -5.40
CA TYR B 69 8.98 17.61 -5.44
C TYR B 69 10.10 17.78 -4.39
N CYS B 70 10.92 18.83 -4.55
CA CYS B 70 12.03 19.16 -3.66
C CYS B 70 11.62 20.17 -2.61
N SER B 71 12.20 20.08 -1.42
CA SER B 71 11.92 21.04 -0.37
C SER B 71 12.61 22.36 -0.70
N ASP B 72 12.08 23.48 -0.20
CA ASP B 72 12.68 24.79 -0.42
C ASP B 72 14.09 24.86 0.17
N ILE B 73 14.32 24.16 1.29
CA ILE B 73 15.64 24.09 1.92
C ILE B 73 16.02 22.61 2.09
N PRO B 74 17.05 22.14 1.37
CA PRO B 74 17.46 20.75 1.50
C PRO B 74 18.13 20.48 2.85
N SER B 75 17.97 19.25 3.36
CA SER B 75 18.55 18.89 4.65
C SER B 75 18.89 17.40 4.73
N ILE B 76 19.80 17.05 5.64
CA ILE B 76 20.18 15.67 5.87
C ILE B 76 19.01 14.98 6.54
N HIS B 77 18.59 13.83 6.03
CA HIS B 77 17.48 13.09 6.61
C HIS B 77 18.02 11.85 7.35
N PRO B 78 17.47 11.51 8.55
CA PRO B 78 17.98 10.34 9.27
C PRO B 78 17.86 9.03 8.48
N ILE B 79 16.79 8.90 7.69
CA ILE B 79 16.59 7.71 6.88
C ILE B 79 17.15 7.94 5.48
N SER B 80 18.25 7.26 5.15
CA SER B 80 18.88 7.43 3.84
C SER B 80 19.38 6.12 3.29
N GLU B 81 19.60 6.05 1.97
CA GLU B 81 20.14 4.87 1.34
C GLU B 81 21.41 5.20 0.58
N PRO B 82 22.37 4.26 0.53
CA PRO B 82 23.57 4.50 -0.26
C PRO B 82 23.35 4.26 -1.74
N LYS B 83 24.20 4.85 -2.57
CA LYS B 83 24.13 4.67 -4.01
C LYS B 83 25.49 4.22 -4.53
N ASP B 84 25.49 3.24 -5.44
CA ASP B 84 26.73 2.74 -5.98
C ASP B 84 27.29 3.69 -7.03
N CYS B 85 28.45 4.29 -6.72
CA CYS B 85 29.14 5.21 -7.63
C CYS B 85 30.43 4.58 -8.15
N TYR B 86 30.76 4.82 -9.41
CA TYR B 86 31.94 4.23 -10.02
C TYR B 86 32.88 5.28 -10.56
N LEU B 87 34.17 5.15 -10.22
CA LEU B 87 35.19 6.11 -10.64
C LEU B 87 35.45 6.01 -12.14
N GLN B 88 35.34 7.13 -12.84
CA GLN B 88 35.57 7.19 -14.28
C GLN B 88 37.00 7.68 -14.60
N SER B 89 37.44 7.52 -15.86
CA SER B 89 38.76 7.92 -16.32
C SER B 89 39.07 9.39 -16.08
N ASP B 90 38.03 10.26 -16.12
CA ASP B 90 38.23 11.68 -15.88
C ASP B 90 38.36 12.07 -14.39
N GLY B 91 38.35 11.10 -13.50
CA GLY B 91 38.47 11.37 -12.06
C GLY B 91 37.16 11.65 -11.35
N PHE B 92 36.03 11.56 -12.07
CA PHE B 92 34.72 11.80 -11.47
C PHE B 92 34.00 10.50 -11.19
N TYR B 93 33.26 10.45 -10.09
CA TYR B 93 32.43 9.31 -9.76
C TYR B 93 31.11 9.46 -10.48
N GLU B 94 30.59 8.38 -11.06
CA GLU B 94 29.32 8.41 -11.78
C GLU B 94 28.35 7.41 -11.13
N CYS B 95 27.18 7.90 -10.73
CA CYS B 95 26.16 7.06 -10.09
C CYS B 95 24.89 7.10 -10.96
N ILE B 96 24.31 5.94 -11.30
CA ILE B 96 23.13 5.91 -12.17
C ILE B 96 21.86 5.47 -11.45
N PHE B 97 20.84 6.31 -11.48
CA PHE B 97 19.52 6.06 -10.89
C PHE B 97 18.60 5.56 -11.99
N GLN B 98 18.30 4.26 -11.99
CA GLN B 98 17.44 3.67 -13.00
C GLN B 98 16.65 2.51 -12.40
N PRO B 99 15.30 2.50 -12.50
CA PRO B 99 14.43 3.51 -13.14
C PRO B 99 14.37 4.82 -12.37
N ILE B 100 13.77 5.84 -12.97
CA ILE B 100 13.71 7.15 -12.35
C ILE B 100 12.28 7.58 -12.03
N PHE B 101 12.10 8.30 -10.91
CA PHE B 101 10.81 8.87 -10.52
C PHE B 101 10.95 10.35 -10.86
N LEU B 102 10.45 10.76 -12.03
CA LEU B 102 10.60 12.10 -12.59
C LEU B 102 10.20 13.25 -11.69
N LEU B 103 9.15 13.09 -10.87
CA LEU B 103 8.71 14.20 -10.02
C LEU B 103 8.96 13.97 -8.53
N SER B 104 9.96 13.16 -8.21
CA SER B 104 10.33 12.94 -6.84
C SER B 104 11.64 13.70 -6.57
N GLY B 105 11.69 14.42 -5.46
CA GLY B 105 12.89 15.16 -5.09
C GLY B 105 13.94 14.26 -4.46
N TYR B 106 15.07 14.12 -5.13
CA TYR B 106 16.19 13.32 -4.64
C TYR B 106 17.16 14.21 -3.87
N THR B 107 17.18 14.09 -2.53
CA THR B 107 18.14 14.86 -1.73
C THR B 107 19.39 14.01 -1.59
N MET B 108 20.54 14.53 -2.00
CA MET B 108 21.80 13.78 -1.96
C MET B 108 22.89 14.50 -1.18
N TRP B 109 23.84 13.71 -0.68
CA TRP B 109 25.02 14.21 0.03
C TRP B 109 26.11 13.13 0.08
N ILE B 110 27.35 13.50 0.39
CA ILE B 110 28.42 12.53 0.50
C ILE B 110 28.69 12.30 1.97
N ARG B 111 28.70 11.03 2.38
CA ARG B 111 29.05 10.66 3.73
C ARG B 111 30.55 10.34 3.74
N ILE B 112 31.30 11.08 4.55
CA ILE B 112 32.73 10.94 4.70
C ILE B 112 33.02 10.32 6.05
N GLN B 113 33.49 9.07 6.08
CA GLN B 113 33.73 8.38 7.34
C GLN B 113 35.17 8.21 7.66
N HIS B 114 35.65 8.98 8.62
CA HIS B 114 37.01 8.82 9.10
C HIS B 114 36.97 7.70 10.15
N SER B 115 38.14 7.18 10.58
CA SER B 115 38.17 6.11 11.58
C SER B 115 37.41 6.48 12.87
N LEU B 116 37.36 7.79 13.19
CA LEU B 116 36.61 8.32 14.32
C LEU B 116 35.73 9.47 13.83
N GLY B 117 34.49 9.18 13.48
CA GLY B 117 33.56 10.20 13.04
C GLY B 117 33.06 10.14 11.61
N SER B 118 31.90 10.76 11.38
CA SER B 118 31.26 10.88 10.07
C SER B 118 30.96 12.34 9.76
N LEU B 119 31.21 12.77 8.54
CA LEU B 119 30.88 14.11 8.11
C LEU B 119 30.02 14.03 6.87
N ASP B 120 28.97 14.86 6.80
CA ASP B 120 28.09 14.88 5.64
C ASP B 120 28.30 16.16 4.87
N SER B 121 28.51 16.05 3.57
CA SER B 121 28.67 17.22 2.73
C SER B 121 27.31 17.96 2.60
N PRO B 122 27.29 19.25 2.22
CA PRO B 122 26.02 19.98 2.12
C PRO B 122 25.01 19.30 1.19
N PRO B 123 23.79 19.04 1.69
CA PRO B 123 22.81 18.33 0.87
C PRO B 123 22.20 19.20 -0.22
N THR B 124 21.98 18.60 -1.39
CA THR B 124 21.31 19.28 -2.49
C THR B 124 20.18 18.39 -3.00
N CYS B 125 19.04 19.00 -3.31
CA CYS B 125 17.89 18.26 -3.79
C CYS B 125 17.75 18.47 -5.30
N VAL B 126 17.51 17.38 -6.05
CA VAL B 126 17.30 17.46 -7.49
C VAL B 126 16.01 16.80 -7.93
N LEU B 127 15.25 17.48 -8.78
CA LEU B 127 14.03 16.92 -9.33
C LEU B 127 14.43 16.41 -10.70
N PRO B 128 14.33 15.10 -10.97
CA PRO B 128 14.79 14.57 -12.26
C PRO B 128 14.16 15.19 -13.50
N ASP B 129 12.90 15.63 -13.44
CA ASP B 129 12.24 16.26 -14.59
C ASP B 129 12.86 17.62 -14.96
N SER B 130 13.44 18.33 -13.98
CA SER B 130 14.07 19.62 -14.25
C SER B 130 15.57 19.52 -14.60
N VAL B 131 16.13 18.30 -14.70
CA VAL B 131 17.53 18.14 -15.11
C VAL B 131 17.67 17.29 -16.37
N VAL B 132 16.64 17.27 -17.20
CA VAL B 132 16.65 16.50 -18.43
C VAL B 132 17.47 17.19 -19.48
N LYS B 133 18.35 16.44 -20.15
CA LYS B 133 19.10 16.96 -21.28
C LYS B 133 18.39 16.38 -22.50
N PRO B 134 17.60 17.20 -23.21
CA PRO B 134 16.84 16.66 -24.34
C PRO B 134 17.71 16.19 -25.48
N LEU B 135 17.12 15.34 -26.32
CA LEU B 135 17.79 14.88 -27.53
C LEU B 135 17.80 16.07 -28.51
N PRO B 136 18.76 16.12 -29.43
CA PRO B 136 18.80 17.23 -30.40
C PRO B 136 17.63 17.23 -31.37
N PRO B 137 17.20 18.42 -31.85
CA PRO B 137 16.14 18.45 -32.89
C PRO B 137 16.56 17.63 -34.11
N SER B 138 15.65 16.85 -34.67
CA SER B 138 15.95 15.99 -35.82
C SER B 138 15.30 16.51 -37.12
N SER B 139 15.72 15.96 -38.27
CA SER B 139 15.19 16.34 -39.58
C SER B 139 15.39 17.83 -39.86
N VAL B 140 16.61 18.33 -39.64
CA VAL B 140 16.92 19.73 -39.86
C VAL B 140 17.04 20.00 -41.37
N LYS B 141 16.29 20.98 -41.88
CA LYS B 141 16.33 21.34 -43.30
C LYS B 141 16.59 22.84 -43.45
N ALA B 142 17.48 23.21 -44.38
CA ALA B 142 17.82 24.60 -44.65
C ALA B 142 17.65 24.89 -46.14
N GLU B 143 16.67 25.72 -46.49
CA GLU B 143 16.37 26.04 -47.88
C GLU B 143 16.41 27.53 -48.11
N ILE B 144 16.96 27.96 -49.24
CA ILE B 144 16.92 29.36 -49.61
C ILE B 144 15.97 29.54 -50.78
N THR B 145 14.88 30.28 -50.58
CA THR B 145 13.94 30.57 -51.64
C THR B 145 14.30 31.94 -52.18
N ILE B 146 14.76 32.01 -53.44
CA ILE B 146 15.20 33.25 -54.07
C ILE B 146 14.09 34.31 -54.13
N ASN B 147 12.87 33.94 -54.58
CA ASN B 147 11.75 34.87 -54.68
C ASN B 147 11.41 35.56 -53.35
N ILE B 148 11.58 34.85 -52.23
CA ILE B 148 11.31 35.40 -50.90
C ILE B 148 12.52 36.17 -50.36
N GLY B 149 13.72 35.65 -50.62
CA GLY B 149 14.96 36.27 -50.18
C GLY B 149 15.34 35.90 -48.75
N LEU B 150 14.80 34.79 -48.24
CA LEU B 150 15.06 34.34 -46.88
C LEU B 150 15.56 32.90 -46.82
N LEU B 151 16.22 32.60 -45.72
CA LEU B 151 16.72 31.29 -45.38
C LEU B 151 15.67 30.66 -44.50
N LYS B 152 15.01 29.61 -44.99
CA LYS B 152 13.98 28.91 -44.23
C LYS B 152 14.60 27.70 -43.55
N ILE B 153 14.53 27.64 -42.22
CA ILE B 153 15.07 26.55 -41.42
C ILE B 153 13.94 25.82 -40.73
N SER B 154 13.84 24.51 -40.95
CA SER B 154 12.81 23.70 -40.33
C SER B 154 13.43 22.52 -39.57
N TRP B 155 12.69 21.93 -38.63
CA TRP B 155 13.17 20.82 -37.81
C TRP B 155 11.99 20.09 -37.14
N GLU B 156 12.28 19.02 -36.41
CA GLU B 156 11.29 18.30 -35.66
C GLU B 156 11.71 18.23 -34.20
N LYS B 157 10.76 18.51 -33.30
CA LYS B 157 10.93 18.51 -31.86
C LYS B 157 11.28 17.11 -31.37
N PRO B 158 12.24 16.96 -30.44
CA PRO B 158 12.56 15.64 -29.90
C PRO B 158 11.38 15.09 -29.11
N VAL B 159 11.11 13.77 -29.18
CA VAL B 159 9.99 13.11 -28.51
C VAL B 159 9.80 13.57 -27.06
N PHE B 160 10.89 13.58 -26.30
CA PHE B 160 10.90 14.05 -24.93
C PHE B 160 11.79 15.30 -24.84
N PRO B 161 11.48 16.26 -23.96
CA PRO B 161 10.38 16.25 -22.98
C PRO B 161 9.05 16.75 -23.53
N GLU B 162 7.95 16.43 -22.84
CA GLU B 162 6.63 16.89 -23.28
C GLU B 162 6.38 18.38 -22.98
N ASN B 163 7.30 19.05 -22.24
CA ASN B 163 7.21 20.46 -21.89
C ASN B 163 7.48 21.37 -23.09
N ASN B 164 7.12 22.66 -22.97
CA ASN B 164 7.37 23.65 -24.01
C ASN B 164 8.89 23.81 -24.18
N LEU B 165 9.37 24.06 -25.41
CA LEU B 165 10.79 24.22 -25.66
C LEU B 165 11.13 25.55 -26.31
N GLN B 166 12.36 26.01 -26.07
CA GLN B 166 12.95 27.14 -26.74
C GLN B 166 14.06 26.58 -27.63
N PHE B 167 14.25 27.16 -28.81
CA PHE B 167 15.25 26.68 -29.76
C PHE B 167 16.30 27.72 -30.06
N GLN B 168 17.51 27.26 -30.34
CA GLN B 168 18.62 28.15 -30.70
C GLN B 168 19.12 27.66 -32.03
N ILE B 169 19.29 28.58 -32.97
CA ILE B 169 19.75 28.25 -34.30
C ILE B 169 21.04 28.97 -34.58
N ARG B 170 22.07 28.25 -35.03
CA ARG B 170 23.30 28.90 -35.42
C ARG B 170 23.55 28.65 -36.90
N TYR B 171 23.93 29.70 -37.61
CA TYR B 171 24.15 29.62 -39.05
C TYR B 171 25.32 30.50 -39.46
N GLY B 172 26.06 30.04 -40.45
CA GLY B 172 27.21 30.78 -40.97
C GLY B 172 27.75 30.18 -42.25
N LEU B 173 28.69 30.90 -42.89
CA LEU B 173 29.32 30.47 -44.13
C LEU B 173 29.98 29.10 -43.98
N SER B 174 29.66 28.16 -44.88
CA SER B 174 30.22 26.82 -44.85
C SER B 174 31.69 26.82 -45.22
N GLY B 175 32.54 26.65 -44.22
CA GLY B 175 33.98 26.61 -44.42
C GLY B 175 34.67 25.89 -43.28
N LYS B 176 35.93 26.24 -43.01
CA LYS B 176 36.67 25.64 -41.92
C LYS B 176 36.46 26.44 -40.64
N GLU B 177 36.54 27.77 -40.75
CA GLU B 177 36.32 28.68 -39.63
C GLU B 177 34.97 29.34 -39.83
N VAL B 178 33.88 28.69 -39.40
CA VAL B 178 32.53 29.23 -39.56
C VAL B 178 32.28 30.37 -38.58
N GLN B 179 31.81 31.51 -39.08
CA GLN B 179 31.45 32.64 -38.24
C GLN B 179 29.95 32.45 -37.93
N TRP B 180 29.62 32.09 -36.70
CA TRP B 180 28.24 31.81 -36.33
C TRP B 180 27.40 33.02 -35.96
N LYS B 181 26.19 33.06 -36.50
CA LYS B 181 25.18 34.05 -36.15
C LYS B 181 24.14 33.25 -35.34
N MET B 182 23.74 33.77 -34.19
CA MET B 182 22.81 33.07 -33.30
C MET B 182 21.39 33.64 -33.33
N TYR B 183 20.38 32.77 -33.37
CA TYR B 183 18.99 33.22 -33.30
C TYR B 183 18.20 32.36 -32.32
N GLU B 184 17.34 32.97 -31.50
CA GLU B 184 16.56 32.22 -30.50
C GLU B 184 15.06 32.27 -30.81
N VAL B 185 14.38 31.12 -30.71
CA VAL B 185 12.95 31.01 -30.97
C VAL B 185 12.25 30.59 -29.69
N TYR B 186 11.28 31.40 -29.22
CA TYR B 186 10.58 31.09 -27.98
C TYR B 186 9.14 30.61 -28.18
N ASP B 187 8.63 30.58 -29.42
CA ASP B 187 7.30 30.06 -29.66
C ASP B 187 7.41 28.54 -29.57
N ALA B 188 6.73 27.94 -28.61
CA ALA B 188 6.79 26.49 -28.41
C ALA B 188 6.13 25.74 -29.55
N LYS B 189 5.05 26.31 -30.12
CA LYS B 189 4.31 25.71 -31.24
C LYS B 189 4.93 26.07 -32.59
N SER B 190 6.26 26.26 -32.64
CA SER B 190 6.93 26.61 -33.88
C SER B 190 7.89 25.53 -34.34
N LYS B 191 7.90 25.28 -35.64
CA LYS B 191 8.80 24.29 -36.23
C LYS B 191 9.58 24.83 -37.44
N SER B 192 9.36 26.08 -37.85
CA SER B 192 10.00 26.67 -39.04
C SER B 192 10.27 28.17 -38.84
N VAL B 193 11.49 28.63 -39.18
CA VAL B 193 11.90 30.03 -39.03
C VAL B 193 12.55 30.55 -40.32
N SER B 194 12.25 31.80 -40.71
CA SER B 194 12.85 32.39 -41.91
C SER B 194 13.72 33.59 -41.54
N LEU B 195 15.03 33.50 -41.83
CA LEU B 195 15.99 34.55 -41.46
C LEU B 195 16.66 35.18 -42.67
N PRO B 196 17.13 36.43 -42.57
CA PRO B 196 17.80 37.07 -43.71
C PRO B 196 19.29 36.75 -43.78
N VAL B 197 19.83 36.69 -44.99
CA VAL B 197 21.25 36.41 -45.20
C VAL B 197 21.86 37.45 -46.14
N PRO B 198 23.15 37.76 -45.98
CA PRO B 198 23.78 38.74 -46.87
C PRO B 198 23.98 38.25 -48.31
N ASP B 199 24.06 36.93 -48.50
CA ASP B 199 24.28 36.38 -49.84
C ASP B 199 23.39 35.16 -50.09
N LEU B 200 22.39 35.30 -50.98
CA LEU B 200 21.47 34.20 -51.29
C LEU B 200 22.12 33.05 -52.07
N SER B 201 23.33 33.26 -52.62
CA SER B 201 24.04 32.25 -53.39
C SER B 201 24.94 31.37 -52.53
N ALA B 202 25.46 31.92 -51.42
CA ALA B 202 26.40 31.22 -50.54
C ALA B 202 25.82 29.96 -49.92
N VAL B 203 26.70 29.02 -49.54
CA VAL B 203 26.26 27.80 -48.88
C VAL B 203 26.41 28.01 -47.40
N TYR B 204 25.33 27.81 -46.66
CA TYR B 204 25.37 27.99 -45.22
C TYR B 204 25.21 26.66 -44.49
N ALA B 205 25.83 26.57 -43.32
CA ALA B 205 25.70 25.43 -42.43
C ALA B 205 24.78 25.85 -41.31
N VAL B 206 23.77 25.03 -40.98
CA VAL B 206 22.78 25.36 -39.96
C VAL B 206 22.68 24.26 -38.90
N GLN B 207 22.72 24.64 -37.63
CA GLN B 207 22.55 23.68 -36.54
C GLN B 207 21.52 24.22 -35.56
N VAL B 208 20.72 23.32 -34.97
CA VAL B 208 19.67 23.70 -34.03
C VAL B 208 19.82 22.91 -32.73
N ARG B 209 19.53 23.55 -31.60
CA ARG B 209 19.51 22.88 -30.31
C ARG B 209 18.30 23.38 -29.49
N CYS B 210 17.90 22.65 -28.44
CA CYS B 210 16.71 23.01 -27.67
C CYS B 210 16.88 22.88 -26.17
N LYS B 211 16.03 23.55 -25.42
CA LYS B 211 16.03 23.53 -23.95
C LYS B 211 14.60 23.76 -23.45
N ARG B 212 14.28 23.38 -22.19
CA ARG B 212 12.94 23.66 -21.66
C ARG B 212 12.67 25.16 -21.64
N LEU B 213 11.51 25.57 -22.12
CA LEU B 213 11.15 26.97 -22.21
C LEU B 213 11.18 27.66 -20.84
N ASP B 214 10.83 26.93 -19.79
CA ASP B 214 10.85 27.49 -18.45
C ASP B 214 12.27 27.59 -17.83
N GLY B 215 13.28 27.07 -18.52
CA GLY B 215 14.65 27.10 -18.04
C GLY B 215 15.05 25.93 -17.16
N LEU B 216 14.07 25.13 -16.72
CA LEU B 216 14.34 23.98 -15.87
C LEU B 216 14.83 22.79 -16.68
N GLY B 217 16.09 22.83 -17.08
CA GLY B 217 16.67 21.75 -17.87
C GLY B 217 17.97 22.13 -18.55
N TYR B 218 18.53 21.20 -19.29
CA TYR B 218 19.79 21.43 -19.99
C TYR B 218 19.56 21.65 -21.47
N TRP B 219 20.57 22.20 -22.16
CA TRP B 219 20.50 22.35 -23.59
C TRP B 219 20.87 21.03 -24.22
N SER B 220 20.20 20.68 -25.30
CA SER B 220 20.55 19.50 -26.08
C SER B 220 21.85 19.77 -26.85
N ASN B 221 22.48 18.72 -27.38
CA ASN B 221 23.64 18.89 -28.25
C ASN B 221 23.16 19.55 -29.56
N TRP B 222 24.08 20.20 -30.30
CA TRP B 222 23.72 20.80 -31.57
C TRP B 222 23.43 19.69 -32.58
N SER B 223 22.38 19.83 -33.37
CA SER B 223 22.01 18.83 -34.38
C SER B 223 23.10 18.70 -35.44
N ASN B 224 23.05 17.63 -36.25
CA ASN B 224 23.98 17.44 -37.36
C ASN B 224 23.77 18.58 -38.36
N PRO B 225 24.85 19.20 -38.83
CA PRO B 225 24.70 20.35 -39.74
C PRO B 225 23.89 20.08 -40.99
N ALA B 226 22.97 20.99 -41.31
CA ALA B 226 22.17 20.93 -42.52
C ALA B 226 22.71 22.00 -43.48
N TYR B 227 22.81 21.68 -44.77
CA TYR B 227 23.37 22.62 -45.74
C TYR B 227 22.33 23.17 -46.71
N THR B 228 22.44 24.47 -47.04
CA THR B 228 21.48 25.12 -47.92
C THR B 228 21.54 24.58 -49.34
N VAL B 229 20.37 24.25 -49.91
CA VAL B 229 20.25 23.74 -51.27
C VAL B 229 19.23 24.53 -52.08
N ILE C 28 -0.45 26.35 -6.36
CA ILE C 28 -1.03 25.01 -6.44
C ILE C 28 -1.40 24.60 -7.88
N GLN C 29 -1.48 25.57 -8.81
CA GLN C 29 -1.82 25.29 -10.21
C GLN C 29 -0.73 24.48 -10.90
N LYS C 30 0.53 24.65 -10.48
CA LYS C 30 1.68 23.91 -11.00
C LYS C 30 1.47 22.39 -10.90
N VAL C 31 0.72 21.94 -9.88
CA VAL C 31 0.39 20.54 -9.63
C VAL C 31 -0.46 20.02 -10.79
N GLN C 32 -1.48 20.77 -11.17
CA GLN C 32 -2.35 20.40 -12.28
C GLN C 32 -1.60 20.43 -13.60
N ASP C 33 -0.73 21.42 -13.82
CA ASP C 33 0.07 21.54 -15.03
C ASP C 33 1.03 20.37 -15.19
N ASP C 34 1.73 20.00 -14.11
CA ASP C 34 2.66 18.88 -14.16
C ASP C 34 1.90 17.56 -14.28
N THR C 35 0.69 17.45 -13.71
CA THR C 35 -0.12 16.24 -13.79
C THR C 35 -0.50 15.96 -15.23
N LYS C 36 -1.00 16.99 -15.94
CA LYS C 36 -1.37 16.89 -17.35
C LYS C 36 -0.14 16.56 -18.19
N THR C 37 1.01 17.17 -17.87
CA THR C 37 2.27 16.95 -18.56
C THR C 37 2.77 15.53 -18.37
N LEU C 38 2.69 15.01 -17.13
CA LEU C 38 3.10 13.64 -16.82
C LEU C 38 2.25 12.64 -17.60
N ILE C 39 0.95 12.92 -17.75
CA ILE C 39 0.07 12.04 -18.52
C ILE C 39 0.51 11.98 -19.97
N LYS C 40 0.76 13.14 -20.60
CA LYS C 40 1.24 13.21 -21.98
C LYS C 40 2.55 12.41 -22.17
N THR C 41 3.42 12.44 -21.14
CA THR C 41 4.70 11.72 -21.15
C THR C 41 4.44 10.22 -21.19
N ILE C 42 3.52 9.71 -20.35
CA ILE C 42 3.20 8.27 -20.31
C ILE C 42 2.53 7.81 -21.61
N VAL C 43 1.69 8.66 -22.21
CA VAL C 43 1.05 8.37 -23.48
C VAL C 43 2.11 8.24 -24.58
N THR C 44 3.09 9.16 -24.56
CA THR C 44 4.21 9.16 -25.50
C THR C 44 5.11 7.95 -25.27
N ARG C 45 5.28 7.52 -24.02
CA ARG C 45 6.07 6.35 -23.66
C ARG C 45 5.45 5.09 -24.29
N ILE C 46 4.12 5.01 -24.28
CA ILE C 46 3.38 3.88 -24.82
C ILE C 46 3.60 3.72 -26.33
N ASN C 47 3.81 4.83 -27.05
CA ASN C 47 4.11 4.79 -28.49
C ASN C 47 5.55 4.30 -28.75
N ASP C 48 6.49 4.68 -27.87
CA ASP C 48 7.90 4.32 -27.88
C ASP C 48 8.66 4.91 -29.10
N ILE C 49 8.80 4.17 -30.24
CA ILE C 49 9.51 4.59 -31.45
C ILE C 49 10.93 5.07 -31.09
N SER C 50 11.68 4.24 -30.36
CA SER C 50 13.03 4.56 -29.91
C SER C 50 14.08 4.14 -30.95
N HIS C 71 -18.15 7.71 -22.56
CA HIS C 71 -17.43 8.75 -21.85
C HIS C 71 -17.98 8.92 -20.42
N PRO C 72 -17.53 8.11 -19.47
CA PRO C 72 -18.05 8.23 -18.10
C PRO C 72 -17.30 9.29 -17.27
N ILE C 73 -17.99 10.04 -16.39
CA ILE C 73 -17.31 11.05 -15.56
C ILE C 73 -16.52 10.38 -14.44
N LEU C 74 -15.21 10.63 -14.39
CA LEU C 74 -14.34 10.03 -13.39
C LEU C 74 -14.10 10.92 -12.19
N THR C 75 -14.34 10.40 -10.99
CA THR C 75 -14.04 11.11 -9.75
C THR C 75 -12.56 10.85 -9.40
N LEU C 76 -11.93 11.66 -8.53
CA LEU C 76 -10.53 11.41 -8.17
C LEU C 76 -10.33 10.07 -7.43
N SER C 77 -11.39 9.53 -6.80
CA SER C 77 -11.35 8.23 -6.13
C SER C 77 -11.34 7.09 -7.16
N LYS C 78 -12.08 7.25 -8.25
CA LYS C 78 -12.11 6.26 -9.33
C LYS C 78 -10.88 6.39 -10.22
N MET C 79 -10.35 7.62 -10.38
CA MET C 79 -9.14 7.86 -11.16
C MET C 79 -7.96 7.15 -10.49
N ASP C 80 -7.88 7.22 -9.15
CA ASP C 80 -6.85 6.58 -8.36
C ASP C 80 -7.02 5.06 -8.36
N GLN C 81 -8.25 4.56 -8.20
CA GLN C 81 -8.49 3.12 -8.22
C GLN C 81 -8.18 2.54 -9.60
N THR C 82 -8.46 3.29 -10.68
CA THR C 82 -8.18 2.86 -12.05
C THR C 82 -6.68 2.65 -12.22
N LEU C 83 -5.87 3.59 -11.74
CA LEU C 83 -4.42 3.51 -11.83
C LEU C 83 -3.86 2.38 -10.97
N ALA C 84 -4.47 2.13 -9.81
CA ALA C 84 -4.04 1.06 -8.92
C ALA C 84 -4.20 -0.30 -9.59
N VAL C 85 -5.28 -0.49 -10.35
CA VAL C 85 -5.53 -1.74 -11.07
C VAL C 85 -4.48 -1.93 -12.17
N TYR C 86 -4.16 -0.86 -12.90
CA TYR C 86 -3.14 -0.92 -13.94
C TYR C 86 -1.75 -1.22 -13.38
N GLN C 87 -1.41 -0.66 -12.21
CA GLN C 87 -0.11 -0.92 -11.57
C GLN C 87 0.05 -2.39 -11.20
N GLN C 88 -1.05 -3.05 -10.80
CA GLN C 88 -1.03 -4.47 -10.47
C GLN C 88 -0.83 -5.33 -11.72
N ILE C 89 -1.38 -4.89 -12.85
CA ILE C 89 -1.23 -5.55 -14.13
C ILE C 89 0.22 -5.44 -14.58
N LEU C 90 0.79 -4.23 -14.56
CA LEU C 90 2.18 -3.99 -14.95
C LEU C 90 3.19 -4.73 -14.07
N THR C 91 2.84 -4.99 -12.81
CA THR C 91 3.73 -5.73 -11.91
C THR C 91 3.80 -7.23 -12.30
N SER C 92 2.77 -7.75 -12.98
CA SER C 92 2.79 -9.14 -13.44
C SER C 92 3.50 -9.33 -14.80
N MET C 93 3.94 -8.23 -15.45
CA MET C 93 4.63 -8.29 -16.73
C MET C 93 5.84 -7.34 -16.76
N PRO C 94 6.86 -7.55 -15.90
CA PRO C 94 7.98 -6.62 -15.86
C PRO C 94 8.89 -6.63 -17.08
N SER C 95 9.24 -5.42 -17.50
CA SER C 95 10.15 -5.14 -18.60
C SER C 95 10.81 -3.76 -18.37
N ARG C 96 11.83 -3.43 -19.16
CA ARG C 96 12.54 -2.17 -19.05
C ARG C 96 11.60 -0.96 -19.15
N ASN C 97 10.64 -1.00 -20.07
CA ASN C 97 9.70 0.11 -20.27
C ASN C 97 8.56 0.07 -19.26
N VAL C 98 8.04 -1.13 -18.99
CA VAL C 98 6.93 -1.33 -18.07
C VAL C 98 7.27 -0.83 -16.68
N ILE C 99 8.45 -1.17 -16.19
CA ILE C 99 8.89 -0.75 -14.86
C ILE C 99 8.95 0.78 -14.76
N GLN C 100 9.43 1.44 -15.83
CA GLN C 100 9.49 2.89 -15.86
C GLN C 100 8.08 3.48 -15.85
N ILE C 101 7.16 2.90 -16.64
CA ILE C 101 5.77 3.36 -16.70
C ILE C 101 5.09 3.24 -15.34
N SER C 102 5.32 2.12 -14.63
CA SER C 102 4.72 1.93 -13.30
C SER C 102 5.20 2.95 -12.29
N ASN C 103 6.46 3.41 -12.42
CA ASN C 103 7.01 4.44 -11.54
C ASN C 103 6.29 5.77 -11.81
N ASP C 104 6.06 6.09 -13.10
CA ASP C 104 5.34 7.29 -13.54
C ASP C 104 3.86 7.25 -13.09
N LEU C 105 3.28 6.05 -12.98
CA LEU C 105 1.92 5.83 -12.51
C LEU C 105 1.84 6.15 -11.00
N GLU C 106 2.90 5.83 -10.24
CA GLU C 106 3.00 6.08 -8.81
C GLU C 106 3.01 7.60 -8.53
N ASN C 107 3.69 8.38 -9.40
CA ASN C 107 3.76 9.84 -9.29
C ASN C 107 2.39 10.46 -9.61
N LEU C 108 1.71 9.93 -10.62
CA LEU C 108 0.39 10.39 -11.03
C LEU C 108 -0.65 10.13 -9.94
N ARG C 109 -0.54 9.00 -9.19
CA ARG C 109 -1.47 8.68 -8.09
C ARG C 109 -1.27 9.66 -6.95
N ASP C 110 0.00 9.99 -6.62
CA ASP C 110 0.30 10.94 -5.56
C ASP C 110 -0.19 12.33 -5.96
N LEU C 111 0.00 12.70 -7.26
CA LEU C 111 -0.45 13.98 -7.82
C LEU C 111 -1.96 14.10 -7.75
N LEU C 112 -2.69 13.00 -8.01
CA LEU C 112 -4.15 12.98 -7.90
C LEU C 112 -4.59 13.05 -6.44
N HIS C 113 -3.81 12.48 -5.51
CA HIS C 113 -4.13 12.57 -4.09
C HIS C 113 -3.90 13.99 -3.56
N VAL C 114 -2.94 14.73 -4.12
CA VAL C 114 -2.71 16.11 -3.74
C VAL C 114 -3.94 16.96 -4.10
N LEU C 115 -4.51 16.70 -5.29
CA LEU C 115 -5.69 17.42 -5.76
C LEU C 115 -6.94 17.09 -4.92
N ALA C 116 -7.03 15.86 -4.41
CA ALA C 116 -8.15 15.43 -3.59
C ALA C 116 -8.00 15.92 -2.16
N PHE C 117 -6.77 15.93 -1.63
CA PHE C 117 -6.46 16.40 -0.28
C PHE C 117 -6.69 17.90 -0.14
N SER C 118 -6.46 18.66 -1.22
CA SER C 118 -6.72 20.10 -1.24
C SER C 118 -8.24 20.40 -1.23
N LYS C 119 -9.07 19.44 -1.70
CA LYS C 119 -10.52 19.54 -1.68
C LYS C 119 -11.18 18.78 -0.50
N SER C 120 -10.36 18.19 0.40
CA SER C 120 -10.73 17.44 1.61
C SER C 120 -11.59 16.18 1.38
N CYS C 121 -10.95 15.02 1.15
CA CYS C 121 -11.68 13.75 0.97
C CYS C 121 -10.80 12.53 1.23
N THR C 146 0.02 -9.78 -24.61
CA THR C 146 -0.69 -9.07 -23.54
C THR C 146 -0.01 -7.77 -23.14
N GLU C 147 1.32 -7.72 -23.28
CA GLU C 147 2.19 -6.58 -22.95
C GLU C 147 1.82 -5.33 -23.75
N VAL C 148 1.40 -5.52 -25.00
CA VAL C 148 1.03 -4.43 -25.89
C VAL C 148 -0.45 -4.08 -25.71
N VAL C 149 -1.30 -5.09 -25.50
CA VAL C 149 -2.73 -4.89 -25.31
C VAL C 149 -3.02 -4.12 -24.03
N ALA C 150 -2.35 -4.48 -22.93
CA ALA C 150 -2.55 -3.81 -21.64
C ALA C 150 -2.10 -2.35 -21.68
N LEU C 151 -0.98 -2.06 -22.36
CA LEU C 151 -0.49 -0.69 -22.47
C LEU C 151 -1.37 0.15 -23.41
N SER C 152 -2.03 -0.46 -24.40
CA SER C 152 -2.94 0.27 -25.28
C SER C 152 -4.20 0.67 -24.53
N ARG C 153 -4.69 -0.20 -23.62
CA ARG C 153 -5.87 0.12 -22.79
C ARG C 153 -5.49 1.23 -21.81
N LEU C 154 -4.29 1.15 -21.22
CA LEU C 154 -3.75 2.15 -20.32
C LEU C 154 -3.69 3.50 -21.04
N GLN C 155 -3.22 3.52 -22.29
CA GLN C 155 -3.14 4.74 -23.09
C GLN C 155 -4.51 5.38 -23.25
N GLY C 156 -5.51 4.55 -23.49
CA GLY C 156 -6.89 5.01 -23.63
C GLY C 156 -7.37 5.65 -22.35
N SER C 157 -7.15 4.97 -21.20
CA SER C 157 -7.55 5.45 -19.88
C SER C 157 -6.84 6.75 -19.49
N LEU C 158 -5.55 6.90 -19.85
CA LEU C 158 -4.79 8.12 -19.56
C LEU C 158 -5.25 9.28 -20.44
N GLN C 159 -5.51 9.03 -21.74
CA GLN C 159 -6.03 10.08 -22.61
C GLN C 159 -7.41 10.56 -22.14
N ASP C 160 -8.20 9.66 -21.55
CA ASP C 160 -9.52 9.97 -21.01
C ASP C 160 -9.36 10.87 -19.80
N MET C 161 -8.39 10.57 -18.92
CA MET C 161 -8.12 11.39 -17.74
C MET C 161 -7.56 12.76 -18.10
N LEU C 162 -6.71 12.82 -19.14
CA LEU C 162 -6.09 14.07 -19.58
C LEU C 162 -7.13 15.17 -19.89
N TRP C 163 -8.21 14.77 -20.57
CA TRP C 163 -9.32 15.61 -21.02
C TRP C 163 -10.40 15.84 -19.92
N GLN C 164 -10.42 14.99 -18.89
CA GLN C 164 -11.37 15.09 -17.78
C GLN C 164 -10.84 15.91 -16.61
N LEU C 165 -9.51 16.04 -16.48
CA LEU C 165 -8.92 16.86 -15.42
C LEU C 165 -9.23 18.34 -15.64
N ASP C 166 -9.37 18.79 -16.91
CA ASP C 166 -9.71 20.16 -17.25
C ASP C 166 -11.11 20.50 -16.68
N LEU C 167 -12.05 19.56 -16.80
CA LEU C 167 -13.40 19.71 -16.26
C LEU C 167 -13.26 19.34 -14.80
N SER C 168 -13.25 20.30 -13.88
CA SER C 168 -13.08 20.04 -12.43
C SER C 168 -13.83 18.80 -11.91
N PRO C 169 -13.11 17.68 -11.71
CA PRO C 169 -13.79 16.46 -11.27
C PRO C 169 -13.97 16.36 -9.75
N GLY C 170 -14.96 15.59 -9.33
CA GLY C 170 -15.29 15.41 -7.93
C GLY C 170 -14.32 14.54 -7.15
N CYS C 171 -14.54 14.42 -5.82
CA CYS C 171 -13.69 13.64 -4.93
C CYS C 171 -13.79 12.13 -5.18
N VAL D 27 -28.77 27.36 40.97
CA VAL D 27 -27.32 27.25 40.92
C VAL D 27 -26.90 26.39 39.74
N ASN D 28 -25.98 26.90 38.89
CA ASN D 28 -25.48 26.18 37.72
C ASN D 28 -24.74 24.89 38.10
N ILE D 29 -24.58 23.95 37.13
CA ILE D 29 -23.92 22.69 37.42
C ILE D 29 -22.49 22.63 36.89
N ASN D 30 -21.52 22.41 37.78
CA ASN D 30 -20.12 22.33 37.37
C ASN D 30 -19.73 20.92 36.97
N ILE D 31 -19.27 20.75 35.72
CA ILE D 31 -18.82 19.45 35.22
C ILE D 31 -17.31 19.47 35.11
N SER D 32 -16.61 18.59 35.83
CA SER D 32 -15.16 18.54 35.77
C SER D 32 -14.71 17.21 35.19
N CYS D 33 -13.72 17.22 34.28
CA CYS D 33 -13.26 16.00 33.64
C CYS D 33 -11.78 15.72 33.88
N GLU D 34 -11.38 14.45 33.77
CA GLU D 34 -10.00 14.06 33.96
C GLU D 34 -9.67 12.86 33.09
N THR D 35 -8.66 12.98 32.22
CA THR D 35 -8.20 11.89 31.35
C THR D 35 -7.17 11.07 32.15
N ASP D 36 -7.29 9.74 32.18
CA ASP D 36 -6.36 8.89 32.93
C ASP D 36 -4.90 8.98 32.42
N GLY D 37 -3.96 8.56 33.25
CA GLY D 37 -2.53 8.58 32.94
C GLY D 37 -2.11 7.75 31.75
N TYR D 38 -2.97 6.81 31.32
CA TYR D 38 -2.70 5.96 30.15
C TYR D 38 -3.34 6.49 28.86
N LEU D 39 -4.14 7.57 28.94
CA LEU D 39 -4.84 8.22 27.83
C LEU D 39 -5.84 7.31 27.13
N THR D 40 -6.51 6.42 27.88
CA THR D 40 -7.50 5.50 27.31
C THR D 40 -8.94 5.97 27.50
N LYS D 41 -9.20 6.77 28.55
CA LYS D 41 -10.54 7.24 28.86
C LYS D 41 -10.55 8.59 29.57
N MET D 42 -11.72 9.28 29.57
CA MET D 42 -11.88 10.53 30.28
C MET D 42 -13.08 10.39 31.20
N THR D 43 -12.88 10.67 32.49
CA THR D 43 -13.97 10.54 33.47
C THR D 43 -14.48 11.92 33.85
N CYS D 44 -15.80 12.12 33.78
CA CYS D 44 -16.41 13.40 34.13
C CYS D 44 -17.32 13.28 35.32
N ARG D 45 -17.33 14.30 36.18
CA ARG D 45 -18.16 14.30 37.38
C ARG D 45 -18.97 15.58 37.54
N TRP D 46 -20.17 15.46 38.12
CA TRP D 46 -21.04 16.59 38.39
C TRP D 46 -21.82 16.37 39.69
N SER D 47 -21.85 17.40 40.53
CA SER D 47 -22.47 17.38 41.84
C SER D 47 -24.00 17.39 41.83
N THR D 48 -24.60 17.07 42.99
CA THR D 48 -26.04 17.10 43.25
C THR D 48 -26.38 17.88 44.53
N SER D 49 -25.37 18.45 45.24
CA SER D 49 -25.55 19.21 46.48
C SER D 49 -26.27 20.52 46.22
N THR D 50 -25.83 21.30 45.22
CA THR D 50 -26.51 22.54 44.86
C THR D 50 -27.61 22.26 43.80
N ILE D 51 -28.26 21.10 43.93
CA ILE D 51 -29.30 20.58 43.05
C ILE D 51 -30.52 20.07 43.86
N GLN D 52 -30.30 19.70 45.15
CA GLN D 52 -31.32 19.20 46.08
C GLN D 52 -32.56 20.09 46.21
N SER D 53 -32.46 21.37 45.82
CA SER D 53 -33.58 22.30 45.86
C SER D 53 -34.68 21.88 44.88
N LEU D 54 -34.29 21.37 43.70
CA LEU D 54 -35.23 20.90 42.69
C LEU D 54 -35.11 19.38 42.56
N ALA D 55 -35.55 18.64 43.60
CA ALA D 55 -35.47 17.19 43.63
C ALA D 55 -36.35 16.56 42.55
N GLU D 56 -37.54 17.12 42.35
CA GLU D 56 -38.47 16.62 41.33
C GLU D 56 -38.06 17.14 39.96
N SER D 57 -37.24 16.36 39.22
CA SER D 57 -36.73 16.71 37.90
C SER D 57 -35.86 15.60 37.34
N THR D 58 -35.94 15.32 36.01
CA THR D 58 -35.06 14.30 35.42
C THR D 58 -33.82 14.96 34.80
N LEU D 59 -32.64 14.40 35.10
CA LEU D 59 -31.36 14.94 34.66
C LEU D 59 -30.67 14.00 33.70
N GLN D 60 -29.97 14.56 32.70
CA GLN D 60 -29.23 13.76 31.72
C GLN D 60 -28.09 14.57 31.11
N LEU D 61 -26.85 14.04 31.15
CA LEU D 61 -25.72 14.76 30.57
C LEU D 61 -25.77 14.63 29.06
N ARG D 62 -25.60 15.74 28.36
CA ARG D 62 -25.60 15.77 26.90
C ARG D 62 -24.26 16.32 26.42
N TYR D 63 -23.73 15.79 25.30
CA TYR D 63 -22.46 16.27 24.79
C TYR D 63 -22.43 16.36 23.26
N HIS D 64 -21.58 17.25 22.75
CA HIS D 64 -21.37 17.43 21.34
C HIS D 64 -19.87 17.35 21.12
N ARG D 65 -19.42 16.44 20.27
CA ARG D 65 -17.99 16.30 20.01
C ARG D 65 -17.55 17.04 18.75
N SER D 66 -16.55 17.91 18.90
CA SER D 66 -15.98 18.66 17.78
C SER D 66 -14.98 17.77 17.04
N SER D 67 -14.73 18.07 15.76
CA SER D 67 -13.76 17.31 14.98
C SER D 67 -12.36 17.54 15.55
N LEU D 68 -12.05 18.80 15.89
CA LEU D 68 -10.78 19.19 16.48
C LEU D 68 -10.96 20.41 17.37
N TYR D 69 -10.30 20.41 18.53
CA TYR D 69 -10.22 21.47 19.52
C TYR D 69 -11.58 22.04 20.00
N CYS D 70 -11.53 22.89 21.04
CA CYS D 70 -12.69 23.53 21.63
C CYS D 70 -12.96 24.89 21.02
N SER D 71 -14.23 25.29 20.94
CA SER D 71 -14.59 26.61 20.43
C SER D 71 -14.20 27.67 21.45
N ASP D 72 -13.91 28.90 21.00
CA ASP D 72 -13.54 29.98 21.91
C ASP D 72 -14.67 30.29 22.90
N ILE D 73 -15.93 30.15 22.45
CA ILE D 73 -17.10 30.34 23.29
C ILE D 73 -17.98 29.10 23.19
N PRO D 74 -18.13 28.33 24.29
CA PRO D 74 -18.97 27.13 24.22
C PRO D 74 -20.45 27.47 24.11
N SER D 75 -21.22 26.63 23.42
CA SER D 75 -22.64 26.86 23.24
C SER D 75 -23.42 25.56 23.10
N ILE D 76 -24.72 25.62 23.35
CA ILE D 76 -25.61 24.47 23.20
C ILE D 76 -25.74 24.21 21.71
N HIS D 77 -25.51 22.97 21.28
CA HIS D 77 -25.61 22.62 19.87
C HIS D 77 -26.89 21.81 19.62
N PRO D 78 -27.62 22.07 18.51
CA PRO D 78 -28.85 21.30 18.26
C PRO D 78 -28.64 19.79 18.16
N ILE D 79 -27.51 19.38 17.60
CA ILE D 79 -27.18 17.96 17.48
C ILE D 79 -26.35 17.53 18.67
N SER D 80 -26.93 16.73 19.57
CA SER D 80 -26.22 16.28 20.76
C SER D 80 -26.53 14.81 21.08
N GLU D 81 -25.67 14.17 21.85
CA GLU D 81 -25.87 12.77 22.25
C GLU D 81 -25.86 12.67 23.76
N PRO D 82 -26.68 11.78 24.34
CA PRO D 82 -26.66 11.61 25.79
C PRO D 82 -25.50 10.73 26.24
N LYS D 83 -25.12 10.85 27.51
CA LYS D 83 -24.04 10.07 28.07
C LYS D 83 -24.52 9.35 29.31
N ASP D 84 -24.16 8.07 29.45
CA ASP D 84 -24.55 7.29 30.61
C ASP D 84 -23.73 7.68 31.83
N CYS D 85 -24.39 8.28 32.84
CA CYS D 85 -23.73 8.67 34.09
C CYS D 85 -24.25 7.80 35.22
N TYR D 86 -23.37 7.46 36.16
CA TYR D 86 -23.74 6.59 37.27
C TYR D 86 -23.50 7.26 38.61
N LEU D 87 -24.53 7.24 39.47
CA LEU D 87 -24.46 7.86 40.78
C LEU D 87 -23.50 7.12 41.70
N GLN D 88 -22.52 7.83 42.26
CA GLN D 88 -21.54 7.24 43.18
C GLN D 88 -21.95 7.48 44.64
N SER D 89 -21.31 6.75 45.58
CA SER D 89 -21.58 6.84 47.01
C SER D 89 -21.44 8.26 47.56
N ASP D 90 -20.53 9.06 46.99
CA ASP D 90 -20.34 10.44 47.43
C ASP D 90 -21.38 11.44 46.92
N GLY D 91 -22.38 10.96 46.19
CA GLY D 91 -23.42 11.83 45.65
C GLY D 91 -23.11 12.45 44.30
N PHE D 92 -21.98 12.10 43.69
CA PHE D 92 -21.60 12.64 42.40
C PHE D 92 -21.86 11.63 41.29
N TYR D 93 -22.29 12.12 40.13
CA TYR D 93 -22.49 11.28 38.97
C TYR D 93 -21.16 11.15 38.25
N GLU D 94 -20.82 9.95 37.80
CA GLU D 94 -19.56 9.71 37.10
C GLU D 94 -19.87 9.17 35.70
N CYS D 95 -19.37 9.85 34.67
CA CYS D 95 -19.60 9.43 33.29
C CYS D 95 -18.24 9.14 32.65
N ILE D 96 -18.09 7.98 32.02
CA ILE D 96 -16.80 7.59 31.43
C ILE D 96 -16.83 7.56 29.91
N PHE D 97 -15.96 8.35 29.27
CA PHE D 97 -15.82 8.43 27.82
C PHE D 97 -14.68 7.51 27.41
N GLN D 98 -15.00 6.36 26.81
CA GLN D 98 -13.98 5.41 26.40
C GLN D 98 -14.44 4.66 25.16
N PRO D 99 -13.66 4.66 24.06
CA PRO D 99 -12.34 5.29 23.87
C PRO D 99 -12.41 6.82 23.81
N ILE D 100 -11.25 7.48 23.86
CA ILE D 100 -11.21 8.93 23.87
C ILE D 100 -10.51 9.50 22.63
N PHE D 101 -11.00 10.65 22.16
CA PHE D 101 -10.41 11.40 21.06
C PHE D 101 -9.69 12.57 21.75
N LEU D 102 -8.38 12.41 22.00
CA LEU D 102 -7.56 13.36 22.76
C LEU D 102 -7.64 14.82 22.32
N LEU D 103 -7.75 15.08 21.01
CA LEU D 103 -7.79 16.45 20.53
C LEU D 103 -9.14 16.88 19.97
N SER D 104 -10.23 16.19 20.34
CA SER D 104 -11.57 16.57 19.88
C SER D 104 -12.28 17.33 21.00
N GLY D 105 -12.94 18.44 20.68
CA GLY D 105 -13.60 19.27 21.69
C GLY D 105 -14.91 18.74 22.22
N TYR D 106 -14.95 18.35 23.51
CA TYR D 106 -16.19 17.82 24.10
C TYR D 106 -17.00 18.91 24.79
N THR D 107 -18.08 19.39 24.15
CA THR D 107 -18.93 20.43 24.72
C THR D 107 -20.03 19.72 25.52
N MET D 108 -20.10 19.91 26.85
CA MET D 108 -21.09 19.22 27.67
C MET D 108 -22.02 20.15 28.42
N TRP D 109 -23.20 19.65 28.78
CA TRP D 109 -24.20 20.35 29.58
C TRP D 109 -25.20 19.36 30.19
N ILE D 110 -25.97 19.80 31.19
CA ILE D 110 -26.96 18.95 31.86
C ILE D 110 -28.37 19.34 31.42
N ARG D 111 -29.08 18.42 30.74
CA ARG D 111 -30.45 18.68 30.32
C ARG D 111 -31.36 18.40 31.49
N ILE D 112 -32.08 19.43 31.93
CA ILE D 112 -32.99 19.32 33.07
C ILE D 112 -34.43 19.38 32.60
N GLN D 113 -35.24 18.40 33.00
CA GLN D 113 -36.67 18.43 32.74
C GLN D 113 -37.36 18.32 34.11
N HIS D 114 -37.56 19.48 34.77
CA HIS D 114 -38.14 19.52 36.12
C HIS D 114 -39.63 19.13 36.16
N SER D 115 -40.45 19.71 35.29
CA SER D 115 -41.89 19.41 35.24
C SER D 115 -42.49 19.54 33.84
N LEU D 116 -41.73 20.13 32.89
CA LEU D 116 -42.06 20.35 31.47
C LEU D 116 -40.93 21.13 30.79
N GLY D 117 -40.77 20.94 29.48
CA GLY D 117 -39.78 21.65 28.70
C GLY D 117 -38.33 21.29 28.95
N SER D 118 -37.40 22.00 28.28
CA SER D 118 -35.97 21.76 28.42
C SER D 118 -35.26 22.91 29.15
N LEU D 119 -34.31 22.58 30.04
CA LEU D 119 -33.54 23.56 30.81
C LEU D 119 -32.06 23.16 30.77
N ASP D 120 -31.29 23.69 29.80
CA ASP D 120 -29.88 23.32 29.68
C ASP D 120 -28.96 24.14 30.56
N SER D 121 -28.09 23.48 31.34
CA SER D 121 -27.11 24.14 32.20
C SER D 121 -26.02 24.80 31.34
N PRO D 122 -25.24 25.76 31.86
CA PRO D 122 -24.21 26.42 31.03
C PRO D 122 -23.23 25.43 30.41
N PRO D 123 -23.07 25.47 29.08
CA PRO D 123 -22.17 24.51 28.43
C PRO D 123 -20.69 24.83 28.63
N THR D 124 -19.89 23.78 28.85
CA THR D 124 -18.45 23.92 28.99
C THR D 124 -17.78 22.95 28.03
N CYS D 125 -16.73 23.41 27.36
CA CYS D 125 -16.01 22.57 26.42
C CYS D 125 -14.70 22.09 27.06
N VAL D 126 -14.40 20.81 26.90
CA VAL D 126 -13.18 20.26 27.46
C VAL D 126 -12.37 19.47 26.42
N LEU D 127 -11.06 19.71 26.38
CA LEU D 127 -10.16 19.00 25.48
C LEU D 127 -9.49 17.91 26.30
N PRO D 128 -9.70 16.63 25.97
CA PRO D 128 -9.14 15.55 26.81
C PRO D 128 -7.63 15.58 27.02
N ASP D 129 -6.85 16.06 26.04
CA ASP D 129 -5.39 16.13 26.16
C ASP D 129 -4.95 17.15 27.23
N SER D 130 -5.74 18.22 27.44
CA SER D 130 -5.38 19.23 28.44
C SER D 130 -5.93 18.93 29.85
N VAL D 131 -6.60 17.79 30.05
CA VAL D 131 -7.09 17.41 31.39
C VAL D 131 -6.52 16.07 31.87
N VAL D 132 -5.34 15.72 31.37
CA VAL D 132 -4.69 14.47 31.73
C VAL D 132 -4.07 14.60 33.10
N LYS D 133 -4.31 13.60 33.96
CA LYS D 133 -3.64 13.55 35.26
C LYS D 133 -2.59 12.47 35.08
N PRO D 134 -1.31 12.88 34.95
CA PRO D 134 -0.26 11.89 34.71
C PRO D 134 -0.03 10.94 35.87
N LEU D 135 0.71 9.86 35.63
CA LEU D 135 1.07 8.91 36.68
C LEU D 135 2.24 9.47 37.51
N PRO D 136 2.40 9.05 38.77
CA PRO D 136 3.56 9.51 39.54
C PRO D 136 4.86 8.97 38.92
N PRO D 137 5.93 9.78 38.86
CA PRO D 137 7.18 9.31 38.24
C PRO D 137 7.75 8.04 38.88
N SER D 138 7.98 7.01 38.07
CA SER D 138 8.49 5.72 38.54
C SER D 138 9.97 5.76 38.90
N SER D 139 10.45 4.76 39.66
CA SER D 139 11.85 4.60 40.05
C SER D 139 12.48 5.81 40.77
N VAL D 140 11.91 6.20 41.93
CA VAL D 140 12.47 7.31 42.70
C VAL D 140 13.62 6.82 43.58
N LYS D 141 14.80 7.44 43.46
CA LYS D 141 15.98 7.06 44.24
C LYS D 141 16.55 8.28 44.97
N ALA D 142 16.88 8.12 46.24
CA ALA D 142 17.46 9.18 47.05
C ALA D 142 18.76 8.66 47.68
N GLU D 143 19.92 9.13 47.20
CA GLU D 143 21.20 8.68 47.72
C GLU D 143 22.05 9.82 48.21
N ILE D 144 22.65 9.69 49.40
CA ILE D 144 23.51 10.72 49.93
C ILE D 144 24.97 10.31 49.72
N THR D 145 25.68 11.08 48.90
CA THR D 145 27.10 10.82 48.66
C THR D 145 27.86 11.75 49.60
N ILE D 146 28.56 11.20 50.58
CA ILE D 146 29.30 11.97 51.59
C ILE D 146 30.36 12.89 50.97
N ASN D 147 31.18 12.38 50.04
CA ASN D 147 32.24 13.17 49.39
C ASN D 147 31.70 14.42 48.68
N ILE D 148 30.49 14.35 48.12
CA ILE D 148 29.87 15.47 47.44
C ILE D 148 29.13 16.38 48.44
N GLY D 149 28.47 15.77 49.41
CA GLY D 149 27.72 16.50 50.43
C GLY D 149 26.32 16.86 49.99
N LEU D 150 25.77 16.16 49.00
CA LEU D 150 24.42 16.42 48.46
C LEU D 150 23.56 15.14 48.38
N LEU D 151 22.24 15.24 48.08
CA LEU D 151 21.44 14.03 47.84
C LEU D 151 20.91 14.00 46.41
N LYS D 152 21.48 13.11 45.59
CA LYS D 152 21.10 12.97 44.20
C LYS D 152 19.75 12.30 44.04
N ILE D 153 18.68 13.09 43.99
CA ILE D 153 17.33 12.55 43.79
C ILE D 153 17.13 12.27 42.31
N SER D 154 16.85 11.02 41.97
CA SER D 154 16.63 10.63 40.58
C SER D 154 15.27 9.96 40.42
N TRP D 155 14.74 9.95 39.18
CA TRP D 155 13.44 9.37 38.90
C TRP D 155 13.29 9.08 37.39
N GLU D 156 12.20 8.43 37.00
CA GLU D 156 11.90 8.15 35.61
C GLU D 156 10.54 8.74 35.28
N LYS D 157 10.48 9.53 34.19
CA LYS D 157 9.28 10.20 33.70
C LYS D 157 8.18 9.17 33.40
N PRO D 158 6.92 9.44 33.77
CA PRO D 158 5.84 8.49 33.43
C PRO D 158 5.66 8.41 31.91
N VAL D 159 5.37 7.22 31.38
CA VAL D 159 5.20 6.98 29.94
C VAL D 159 4.34 8.06 29.23
N PHE D 160 3.17 8.39 29.80
CA PHE D 160 2.29 9.42 29.26
C PHE D 160 2.10 10.56 30.30
N PRO D 161 1.94 11.83 29.86
CA PRO D 161 1.86 12.31 28.46
C PRO D 161 3.20 12.53 27.79
N GLU D 162 3.19 12.66 26.47
CA GLU D 162 4.42 12.88 25.71
C GLU D 162 4.91 14.35 25.72
N ASN D 163 4.12 15.26 26.30
CA ASN D 163 4.45 16.68 26.40
C ASN D 163 5.58 16.94 27.40
N ASN D 164 6.16 18.15 27.38
CA ASN D 164 7.21 18.54 28.32
C ASN D 164 6.63 18.55 29.74
N LEU D 165 7.44 18.19 30.76
CA LEU D 165 6.95 18.15 32.14
C LEU D 165 7.78 18.96 33.15
N GLN D 166 7.09 19.51 34.14
CA GLN D 166 7.72 20.21 35.26
C GLN D 166 7.59 19.27 36.48
N PHE D 167 8.61 19.24 37.34
CA PHE D 167 8.60 18.34 38.50
C PHE D 167 8.66 19.09 39.81
N GLN D 168 8.07 18.51 40.84
CA GLN D 168 8.08 19.09 42.16
C GLN D 168 8.62 18.01 43.10
N ILE D 169 9.59 18.36 43.92
CA ILE D 169 10.20 17.42 44.85
C ILE D 169 9.99 17.88 46.27
N ARG D 170 9.46 17.01 47.15
CA ARG D 170 9.34 17.35 48.57
C ARG D 170 10.22 16.42 49.40
N TYR D 171 10.98 16.99 50.33
CA TYR D 171 11.90 16.22 51.15
C TYR D 171 11.96 16.74 52.57
N GLY D 172 12.16 15.84 53.52
CA GLY D 172 12.23 16.21 54.93
C GLY D 172 12.53 15.04 55.85
N LEU D 173 12.83 15.35 57.14
CA LEU D 173 13.18 14.35 58.15
C LEU D 173 12.17 13.21 58.28
N SER D 174 12.65 11.96 58.15
CA SER D 174 11.77 10.80 58.26
C SER D 174 11.32 10.57 59.70
N GLY D 175 10.08 10.90 59.99
CA GLY D 175 9.52 10.72 61.33
C GLY D 175 8.35 11.63 61.62
N GLN D 179 7.74 19.14 58.71
CA GLN D 179 9.00 19.73 58.26
C GLN D 179 9.22 19.36 56.80
N TRP D 180 8.67 20.15 55.86
CA TRP D 180 8.82 19.84 54.45
C TRP D 180 9.10 21.06 53.56
N LYS D 181 10.26 21.07 52.91
CA LYS D 181 10.65 22.14 51.97
C LYS D 181 10.55 21.57 50.57
N MET D 182 9.87 22.27 49.65
CA MET D 182 9.68 21.75 48.29
C MET D 182 10.48 22.52 47.23
N TYR D 183 10.99 21.78 46.22
CA TYR D 183 11.84 22.27 45.14
C TYR D 183 11.20 22.01 43.76
N GLU D 184 11.32 22.95 42.83
CA GLU D 184 10.71 22.80 41.51
C GLU D 184 11.75 22.74 40.39
N VAL D 185 11.57 21.79 39.46
CA VAL D 185 12.47 21.61 38.32
C VAL D 185 11.69 21.87 37.03
N TYR D 186 12.15 22.82 36.21
CA TYR D 186 11.45 23.15 34.96
C TYR D 186 12.13 22.66 33.70
N ASP D 187 13.32 22.06 33.80
CA ASP D 187 14.01 21.51 32.63
C ASP D 187 13.28 20.22 32.30
N ALA D 188 12.66 20.16 31.11
CA ALA D 188 11.92 18.97 30.68
C ALA D 188 12.84 17.78 30.45
N LYS D 189 14.06 18.04 29.95
CA LYS D 189 15.04 16.99 29.67
C LYS D 189 15.88 16.65 30.91
N SER D 190 15.29 16.76 32.11
CA SER D 190 16.01 16.48 33.35
C SER D 190 15.44 15.27 34.05
N LYS D 191 16.32 14.34 34.39
CA LYS D 191 15.99 13.10 35.05
C LYS D 191 16.34 13.16 36.54
N SER D 192 17.46 13.83 36.88
CA SER D 192 17.91 13.92 38.26
C SER D 192 18.29 15.35 38.70
N VAL D 193 18.50 15.54 40.02
CA VAL D 193 18.89 16.81 40.65
C VAL D 193 19.67 16.54 41.96
N SER D 194 20.43 17.54 42.47
CA SER D 194 21.19 17.37 43.72
C SER D 194 20.94 18.55 44.66
N LEU D 195 20.41 18.27 45.86
CA LEU D 195 20.05 19.32 46.83
C LEU D 195 20.83 19.24 48.14
N PRO D 196 21.02 20.37 48.84
CA PRO D 196 21.78 20.33 50.10
C PRO D 196 20.92 20.00 51.30
N VAL D 197 21.51 19.34 52.30
CA VAL D 197 20.83 18.97 53.53
C VAL D 197 21.63 19.40 54.76
N PRO D 198 20.98 19.74 55.87
CA PRO D 198 21.73 20.15 57.06
C PRO D 198 22.48 19.02 57.77
N ASP D 199 22.03 17.77 57.57
CA ASP D 199 22.68 16.62 58.21
C ASP D 199 22.81 15.46 57.23
N LEU D 200 24.05 15.14 56.82
CA LEU D 200 24.31 14.04 55.89
C LEU D 200 24.05 12.64 56.48
N SER D 201 23.89 12.54 57.79
CA SER D 201 23.64 11.27 58.47
C SER D 201 22.16 10.93 58.59
N ALA D 202 21.31 11.96 58.70
CA ALA D 202 19.88 11.81 58.88
C ALA D 202 19.18 11.06 57.75
N VAL D 203 18.04 10.43 58.05
CA VAL D 203 17.27 9.72 57.04
C VAL D 203 16.20 10.65 56.52
N TYR D 204 16.16 10.87 55.20
CA TYR D 204 15.18 11.78 54.61
C TYR D 204 14.21 11.07 53.66
N ALA D 205 12.93 11.41 53.76
CA ALA D 205 11.89 10.86 52.90
C ALA D 205 11.74 11.80 51.69
N VAL D 206 11.73 11.25 50.48
CA VAL D 206 11.63 12.04 49.25
C VAL D 206 10.47 11.61 48.38
N GLN D 207 9.65 12.56 47.91
CA GLN D 207 8.54 12.27 47.01
C GLN D 207 8.58 13.24 45.83
N VAL D 208 8.23 12.74 44.64
CA VAL D 208 8.25 13.55 43.42
C VAL D 208 6.89 13.48 42.72
N ARG D 209 6.46 14.59 42.12
CA ARG D 209 5.24 14.62 41.32
C ARG D 209 5.47 15.47 40.06
N CYS D 210 4.65 15.29 39.02
CA CYS D 210 4.84 16.00 37.76
C CYS D 210 3.54 16.52 37.14
N LYS D 211 3.68 17.57 36.31
CA LYS D 211 2.58 18.22 35.60
C LYS D 211 3.07 18.68 34.24
N ARG D 212 2.16 18.89 33.27
CA ARG D 212 2.55 19.38 31.95
C ARG D 212 3.16 20.78 32.07
N LEU D 213 4.36 20.98 31.51
CA LEU D 213 5.12 22.22 31.59
C LEU D 213 4.31 23.42 31.14
N ASP D 214 3.43 23.26 30.16
CA ASP D 214 2.59 24.35 29.68
C ASP D 214 1.39 24.70 30.59
N GLY D 215 1.18 23.90 31.64
CA GLY D 215 0.09 24.13 32.57
C GLY D 215 -1.22 23.47 32.19
N LEU D 216 -1.35 22.99 30.95
CA LEU D 216 -2.57 22.34 30.49
C LEU D 216 -2.65 20.89 30.97
N GLY D 217 -2.93 20.71 32.25
CA GLY D 217 -3.04 19.38 32.83
C GLY D 217 -3.05 19.40 34.34
N TYR D 218 -3.27 18.23 34.93
CA TYR D 218 -3.30 18.10 36.38
C TYR D 218 -1.96 17.63 36.93
N TRP D 219 -1.76 17.79 38.23
CA TRP D 219 -0.57 17.28 38.89
C TRP D 219 -0.79 15.81 39.17
N SER D 220 0.26 15.01 39.02
CA SER D 220 0.19 13.60 39.35
C SER D 220 0.18 13.46 40.87
N ASN D 221 -0.18 12.27 41.38
CA ASN D 221 -0.09 12.01 42.82
C ASN D 221 1.40 11.98 43.20
N TRP D 222 1.72 12.19 44.49
CA TRP D 222 3.11 12.13 44.93
C TRP D 222 3.56 10.68 44.86
N SER D 223 4.77 10.44 44.35
CA SER D 223 5.32 9.09 44.21
C SER D 223 5.48 8.42 45.57
N ASN D 224 5.70 7.10 45.59
CA ASN D 224 5.94 6.36 46.83
C ASN D 224 7.24 6.88 47.44
N PRO D 225 7.23 7.18 48.76
CA PRO D 225 8.42 7.75 49.37
C PRO D 225 9.69 6.92 49.22
N ALA D 226 10.78 7.58 48.84
CA ALA D 226 12.08 6.95 48.71
C ALA D 226 12.92 7.40 49.91
N TYR D 227 13.67 6.47 50.52
CA TYR D 227 14.46 6.79 51.70
C TYR D 227 15.96 6.79 51.41
N THR D 228 16.68 7.74 52.02
CA THR D 228 18.11 7.88 51.81
C THR D 228 18.90 6.71 52.39
N VAL E 26 -11.45 -16.32 -24.67
CA VAL E 26 -12.04 -16.67 -23.38
C VAL E 26 -13.45 -16.08 -23.24
N PRO E 27 -14.47 -16.92 -23.04
CA PRO E 27 -15.84 -16.40 -22.91
C PRO E 27 -16.10 -15.73 -21.57
N ILE E 28 -16.86 -14.62 -21.60
CA ILE E 28 -17.21 -13.81 -20.44
C ILE E 28 -18.01 -14.60 -19.39
N GLN E 29 -18.87 -15.53 -19.83
CA GLN E 29 -19.65 -16.34 -18.91
C GLN E 29 -18.77 -17.33 -18.16
N LYS E 30 -17.77 -17.92 -18.85
CA LYS E 30 -16.83 -18.84 -18.19
C LYS E 30 -15.80 -18.13 -17.29
N VAL E 31 -15.88 -16.80 -17.17
CA VAL E 31 -15.04 -16.02 -16.26
C VAL E 31 -15.82 -15.90 -14.94
N GLN E 32 -17.11 -15.52 -15.01
CA GLN E 32 -18.00 -15.37 -13.86
C GLN E 32 -18.21 -16.68 -13.14
N ASP E 33 -18.38 -17.79 -13.89
CA ASP E 33 -18.55 -19.11 -13.29
C ASP E 33 -17.29 -19.54 -12.55
N ASP E 34 -16.12 -19.25 -13.13
CA ASP E 34 -14.83 -19.58 -12.52
C ASP E 34 -14.47 -18.64 -11.36
N THR E 35 -15.05 -17.43 -11.29
CA THR E 35 -14.77 -16.50 -10.18
C THR E 35 -15.49 -17.00 -8.92
N LYS E 36 -16.77 -17.39 -9.07
CA LYS E 36 -17.58 -17.91 -7.98
C LYS E 36 -17.02 -19.24 -7.52
N THR E 37 -16.62 -20.11 -8.47
CA THR E 37 -16.02 -21.40 -8.13
C THR E 37 -14.75 -21.23 -7.32
N LEU E 38 -13.89 -20.28 -7.72
CA LEU E 38 -12.65 -20.02 -7.01
C LEU E 38 -12.93 -19.55 -5.59
N ILE E 39 -13.99 -18.74 -5.40
CA ILE E 39 -14.38 -18.29 -4.06
C ILE E 39 -14.76 -19.47 -3.18
N LYS E 40 -15.62 -20.38 -3.68
CA LYS E 40 -16.02 -21.59 -2.95
C LYS E 40 -14.80 -22.44 -2.55
N THR E 41 -13.77 -22.45 -3.42
CA THR E 41 -12.50 -23.16 -3.23
C THR E 41 -11.73 -22.59 -2.05
N ILE E 42 -11.58 -21.26 -1.96
CA ILE E 42 -10.86 -20.64 -0.84
C ILE E 42 -11.65 -20.78 0.47
N VAL E 43 -12.99 -20.74 0.40
CA VAL E 43 -13.83 -20.91 1.59
C VAL E 43 -13.66 -22.32 2.15
N THR E 44 -13.65 -23.33 1.25
CA THR E 44 -13.46 -24.73 1.62
C THR E 44 -12.04 -24.97 2.17
N ARG E 45 -11.05 -24.26 1.62
CA ARG E 45 -9.66 -24.35 2.07
C ARG E 45 -9.53 -23.91 3.52
N ILE E 46 -10.21 -22.81 3.88
CA ILE E 46 -10.14 -22.24 5.22
C ILE E 46 -10.83 -23.12 6.28
N ASN E 47 -12.00 -23.73 5.96
CA ASN E 47 -12.65 -24.61 6.95
C ASN E 47 -11.90 -25.94 7.14
N ASP E 48 -10.97 -26.29 6.24
CA ASP E 48 -10.18 -27.52 6.40
C ASP E 48 -9.09 -27.36 7.49
N ILE E 49 -8.62 -26.13 7.73
CA ILE E 49 -7.60 -25.87 8.74
C ILE E 49 -8.22 -25.92 10.15
N PRO E 72 -25.16 -4.15 2.47
CA PRO E 72 -23.98 -3.43 1.97
C PRO E 72 -23.53 -3.91 0.60
N ILE E 73 -23.95 -3.18 -0.45
CA ILE E 73 -23.62 -3.53 -1.84
C ILE E 73 -22.18 -3.20 -2.16
N LEU E 74 -21.39 -4.21 -2.55
CA LEU E 74 -19.98 -4.04 -2.88
C LEU E 74 -19.72 -3.84 -4.37
N THR E 75 -18.96 -2.81 -4.71
CA THR E 75 -18.55 -2.55 -6.08
C THR E 75 -17.30 -3.41 -6.38
N LEU E 76 -16.95 -3.62 -7.67
CA LEU E 76 -15.75 -4.40 -7.99
C LEU E 76 -14.45 -3.73 -7.47
N SER E 77 -14.46 -2.40 -7.29
CA SER E 77 -13.32 -1.65 -6.75
C SER E 77 -13.16 -1.89 -5.25
N LYS E 78 -14.28 -2.04 -4.53
CA LYS E 78 -14.26 -2.31 -3.09
C LYS E 78 -14.00 -3.80 -2.84
N MET E 79 -14.48 -4.69 -3.73
CA MET E 79 -14.23 -6.13 -3.61
C MET E 79 -12.72 -6.41 -3.75
N ASP E 80 -12.05 -5.72 -4.70
CA ASP E 80 -10.62 -5.83 -4.97
C ASP E 80 -9.82 -5.22 -3.82
N GLN E 81 -10.24 -4.04 -3.33
CA GLN E 81 -9.59 -3.36 -2.23
C GLN E 81 -9.64 -4.22 -0.96
N THR E 82 -10.74 -4.99 -0.78
CA THR E 82 -10.96 -5.90 0.35
C THR E 82 -9.94 -7.03 0.32
N LEU E 83 -9.73 -7.66 -0.84
CA LEU E 83 -8.77 -8.75 -1.04
C LEU E 83 -7.33 -8.28 -0.88
N ALA E 84 -7.05 -7.05 -1.31
CA ALA E 84 -5.71 -6.48 -1.21
C ALA E 84 -5.26 -6.39 0.23
N VAL E 85 -6.17 -5.99 1.13
CA VAL E 85 -5.86 -5.89 2.55
C VAL E 85 -5.57 -7.26 3.14
N TYR E 86 -6.37 -8.26 2.76
CA TYR E 86 -6.18 -9.63 3.24
C TYR E 86 -4.89 -10.23 2.74
N GLN E 87 -4.51 -9.92 1.49
CA GLN E 87 -3.27 -10.40 0.89
C GLN E 87 -2.04 -9.90 1.65
N GLN E 88 -2.10 -8.66 2.15
CA GLN E 88 -1.02 -8.08 2.93
C GLN E 88 -0.91 -8.77 4.28
N ILE E 89 -2.05 -9.15 4.87
CA ILE E 89 -2.11 -9.85 6.14
C ILE E 89 -1.50 -11.24 5.99
N LEU E 90 -1.94 -12.00 4.97
CA LEU E 90 -1.44 -13.34 4.72
C LEU E 90 0.05 -13.39 4.41
N THR E 91 0.59 -12.31 3.83
CA THR E 91 2.02 -12.24 3.54
C THR E 91 2.87 -12.11 4.82
N SER E 92 2.28 -11.57 5.91
CA SER E 92 2.97 -11.46 7.18
C SER E 92 2.89 -12.74 8.05
N MET E 93 2.15 -13.76 7.59
CA MET E 93 2.01 -15.03 8.32
C MET E 93 2.11 -16.24 7.39
N PRO E 94 3.27 -16.44 6.72
CA PRO E 94 3.38 -17.56 5.78
C PRO E 94 3.38 -18.95 6.42
N SER E 95 2.65 -19.85 5.78
CA SER E 95 2.51 -21.26 6.16
C SER E 95 2.14 -22.09 4.90
N ARG E 96 2.15 -23.42 5.01
CA ARG E 96 1.82 -24.29 3.87
C ARG E 96 0.45 -23.96 3.25
N ASN E 97 -0.55 -23.72 4.10
CA ASN E 97 -1.90 -23.41 3.64
C ASN E 97 -2.07 -21.96 3.22
N VAL E 98 -1.50 -21.03 4.00
CA VAL E 98 -1.62 -19.60 3.74
C VAL E 98 -0.93 -19.18 2.43
N ILE E 99 0.17 -19.84 2.06
CA ILE E 99 0.84 -19.56 0.80
C ILE E 99 -0.05 -19.97 -0.37
N GLN E 100 -0.72 -21.13 -0.24
CA GLN E 100 -1.64 -21.59 -1.28
C GLN E 100 -2.84 -20.64 -1.39
N ILE E 101 -3.40 -20.21 -0.25
CA ILE E 101 -4.53 -19.29 -0.22
C ILE E 101 -4.16 -17.92 -0.84
N SER E 102 -2.96 -17.40 -0.54
CA SER E 102 -2.51 -16.12 -1.10
C SER E 102 -2.29 -16.18 -2.63
N ASN E 103 -2.06 -17.38 -3.18
CA ASN E 103 -1.95 -17.57 -4.63
C ASN E 103 -3.35 -17.50 -5.24
N ASP E 104 -4.34 -18.16 -4.61
CA ASP E 104 -5.70 -18.13 -5.10
C ASP E 104 -6.27 -16.71 -5.00
N LEU E 105 -5.88 -15.94 -3.96
CA LEU E 105 -6.32 -14.56 -3.79
C LEU E 105 -5.83 -13.69 -4.95
N GLU E 106 -4.63 -13.96 -5.46
CA GLU E 106 -4.01 -13.27 -6.58
C GLU E 106 -4.83 -13.50 -7.86
N ASN E 107 -5.24 -14.76 -8.11
CA ASN E 107 -6.04 -15.11 -9.28
C ASN E 107 -7.43 -14.52 -9.18
N LEU E 108 -7.99 -14.46 -7.96
CA LEU E 108 -9.31 -13.91 -7.71
C LEU E 108 -9.36 -12.41 -7.95
N ARG E 109 -8.26 -11.69 -7.66
CA ARG E 109 -8.15 -10.25 -7.90
C ARG E 109 -8.07 -9.99 -9.41
N ASP E 110 -7.30 -10.80 -10.13
CA ASP E 110 -7.18 -10.67 -11.57
C ASP E 110 -8.52 -10.95 -12.23
N LEU E 111 -9.27 -11.95 -11.72
CA LEU E 111 -10.60 -12.29 -12.22
C LEU E 111 -11.56 -11.13 -12.03
N LEU E 112 -11.49 -10.45 -10.89
CA LEU E 112 -12.35 -9.30 -10.63
C LEU E 112 -11.99 -8.11 -11.53
N HIS E 113 -10.69 -7.98 -11.88
CA HIS E 113 -10.21 -6.94 -12.80
C HIS E 113 -10.82 -7.22 -14.17
N VAL E 114 -10.80 -8.50 -14.62
CA VAL E 114 -11.33 -8.91 -15.91
C VAL E 114 -12.80 -8.51 -16.04
N LEU E 115 -13.57 -8.71 -14.97
CA LEU E 115 -14.98 -8.37 -14.95
C LEU E 115 -15.23 -6.86 -15.02
N ALA E 116 -14.32 -6.07 -14.45
CA ALA E 116 -14.44 -4.62 -14.49
C ALA E 116 -14.00 -4.07 -15.84
N PHE E 117 -12.96 -4.66 -16.44
CA PHE E 117 -12.44 -4.26 -17.74
C PHE E 117 -13.39 -4.60 -18.89
N SER E 118 -14.20 -5.64 -18.73
CA SER E 118 -15.20 -6.02 -19.72
C SER E 118 -16.40 -5.06 -19.67
N LYS E 119 -16.64 -4.42 -18.53
CA LYS E 119 -17.70 -3.43 -18.34
C LYS E 119 -17.17 -1.97 -18.45
N SER E 120 -15.88 -1.78 -18.80
CA SER E 120 -15.22 -0.48 -18.97
C SER E 120 -15.20 0.37 -17.69
N CYS E 121 -14.57 -0.17 -16.63
CA CYS E 121 -14.42 0.51 -15.35
C CYS E 121 -12.95 0.88 -15.15
N HIS E 122 -12.05 -0.08 -15.45
CA HIS E 122 -10.59 0.02 -15.35
C HIS E 122 -10.12 0.27 -13.90
N SER E 145 -4.84 -18.07 18.10
CA SER E 145 -3.80 -17.61 17.20
C SER E 145 -4.37 -16.69 16.12
N THR E 146 -3.57 -15.71 15.66
CA THR E 146 -3.96 -14.74 14.63
C THR E 146 -4.20 -15.39 13.28
N GLU E 147 -3.54 -16.51 12.99
CA GLU E 147 -3.72 -17.22 11.71
C GLU E 147 -5.15 -17.72 11.54
N VAL E 148 -5.77 -18.18 12.62
CA VAL E 148 -7.13 -18.67 12.57
C VAL E 148 -8.13 -17.52 12.52
N VAL E 149 -7.88 -16.45 13.29
CA VAL E 149 -8.75 -15.28 13.33
C VAL E 149 -8.80 -14.56 11.98
N ALA E 150 -7.62 -14.36 11.36
CA ALA E 150 -7.54 -13.69 10.06
C ALA E 150 -8.22 -14.49 8.96
N LEU E 151 -8.05 -15.82 8.95
CA LEU E 151 -8.70 -16.65 7.95
C LEU E 151 -10.21 -16.76 8.18
N SER E 152 -10.67 -16.69 9.43
CA SER E 152 -12.09 -16.69 9.74
C SER E 152 -12.71 -15.37 9.26
N ARG E 153 -11.98 -14.25 9.45
CA ARG E 153 -12.41 -12.93 9.00
C ARG E 153 -12.52 -12.93 7.47
N LEU E 154 -11.52 -13.53 6.79
CA LEU E 154 -11.43 -13.64 5.34
C LEU E 154 -12.60 -14.45 4.78
N GLN E 155 -12.92 -15.58 5.42
CA GLN E 155 -14.01 -16.45 4.98
C GLN E 155 -15.34 -15.71 4.91
N GLY E 156 -15.58 -14.85 5.88
CA GLY E 156 -16.80 -14.05 5.92
C GLY E 156 -16.89 -13.11 4.74
N SER E 157 -15.81 -12.37 4.48
CA SER E 157 -15.74 -11.43 3.38
C SER E 157 -15.90 -12.14 2.03
N LEU E 158 -15.32 -13.34 1.89
CA LEU E 158 -15.44 -14.09 0.64
C LEU E 158 -16.84 -14.60 0.42
N GLN E 159 -17.48 -15.14 1.47
CA GLN E 159 -18.87 -15.61 1.35
C GLN E 159 -19.81 -14.46 1.01
N ASP E 160 -19.49 -13.23 1.43
CA ASP E 160 -20.28 -12.05 1.14
C ASP E 160 -20.22 -11.74 -0.35
N MET E 161 -19.02 -11.81 -0.92
CA MET E 161 -18.83 -11.56 -2.35
C MET E 161 -19.49 -12.63 -3.19
N LEU E 162 -19.43 -13.89 -2.75
CA LEU E 162 -20.02 -15.02 -3.49
C LEU E 162 -21.48 -14.80 -3.91
N TRP E 163 -22.33 -14.34 -2.99
CA TRP E 163 -23.74 -14.09 -3.33
C TRP E 163 -23.95 -12.72 -3.98
N GLN E 164 -23.02 -11.75 -3.78
CA GLN E 164 -23.13 -10.42 -4.37
C GLN E 164 -22.73 -10.35 -5.83
N LEU E 165 -21.88 -11.28 -6.29
CA LEU E 165 -21.48 -11.34 -7.69
C LEU E 165 -22.66 -11.72 -8.59
N ASP E 166 -23.63 -12.50 -8.07
CA ASP E 166 -24.84 -12.91 -8.80
C ASP E 166 -25.68 -11.65 -9.11
N LEU E 167 -25.79 -10.73 -8.14
CA LEU E 167 -26.48 -9.47 -8.32
C LEU E 167 -25.49 -8.57 -9.01
N SER E 168 -25.64 -8.31 -10.32
CA SER E 168 -24.73 -7.47 -11.11
C SER E 168 -24.16 -6.24 -10.38
N PRO E 169 -22.91 -6.33 -9.87
CA PRO E 169 -22.35 -5.20 -9.12
C PRO E 169 -21.67 -4.16 -9.99
N GLY E 170 -21.61 -2.95 -9.47
CA GLY E 170 -21.01 -1.82 -10.19
C GLY E 170 -19.50 -1.80 -10.20
N CYS E 171 -18.95 -0.73 -10.76
CA CYS E 171 -17.52 -0.54 -10.85
C CYS E 171 -16.96 0.20 -9.64
N VAL F 27 10.26 -35.93 -34.18
CA VAL F 27 9.00 -36.20 -33.51
C VAL F 27 8.71 -35.15 -32.41
N ASN F 28 7.43 -34.96 -32.07
CA ASN F 28 7.02 -33.98 -31.06
C ASN F 28 6.89 -34.63 -29.68
N ILE F 29 7.28 -33.93 -28.61
CA ILE F 29 7.19 -34.48 -27.27
C ILE F 29 5.87 -34.10 -26.61
N ASN F 30 5.08 -35.11 -26.20
CA ASN F 30 3.80 -34.85 -25.56
C ASN F 30 3.93 -34.69 -24.05
N ILE F 31 3.51 -33.54 -23.52
CA ILE F 31 3.54 -33.26 -22.08
C ILE F 31 2.11 -33.31 -21.56
N SER F 32 1.82 -34.21 -20.62
CA SER F 32 0.48 -34.33 -20.04
C SER F 32 0.52 -33.97 -18.56
N CYS F 33 -0.46 -33.20 -18.09
CA CYS F 33 -0.48 -32.76 -16.70
C CYS F 33 -1.76 -33.19 -15.97
N GLU F 34 -1.68 -33.29 -14.64
CA GLU F 34 -2.82 -33.67 -13.82
C GLU F 34 -2.73 -33.00 -12.45
N THR F 35 -3.77 -32.26 -12.07
CA THR F 35 -3.82 -31.61 -10.77
C THR F 35 -4.45 -32.58 -9.79
N ASP F 36 -3.85 -32.70 -8.60
CA ASP F 36 -4.37 -33.63 -7.59
C ASP F 36 -5.78 -33.24 -7.09
N GLY F 37 -6.47 -34.21 -6.51
CA GLY F 37 -7.83 -34.03 -5.98
C GLY F 37 -7.97 -33.02 -4.86
N TYR F 38 -6.84 -32.62 -4.24
CA TYR F 38 -6.83 -31.61 -3.18
C TYR F 38 -6.49 -30.20 -3.69
N LEU F 39 -6.14 -30.07 -4.99
CA LEU F 39 -5.80 -28.81 -5.67
C LEU F 39 -4.57 -28.12 -5.07
N THR F 40 -3.58 -28.91 -4.61
CA THR F 40 -2.37 -28.36 -4.02
C THR F 40 -1.18 -28.33 -5.01
N LYS F 41 -1.19 -29.24 -5.99
CA LYS F 41 -0.09 -29.36 -6.96
C LYS F 41 -0.55 -29.89 -8.32
N MET F 42 0.27 -29.68 -9.38
CA MET F 42 0.02 -30.19 -10.73
C MET F 42 1.23 -31.00 -11.15
N THR F 43 1.04 -32.28 -11.48
CA THR F 43 2.14 -33.14 -11.88
C THR F 43 2.15 -33.32 -13.39
N CYS F 44 3.30 -33.07 -14.03
CA CYS F 44 3.41 -33.20 -15.48
C CYS F 44 4.39 -34.30 -15.88
N ARG F 45 4.10 -35.01 -16.96
CA ARG F 45 4.93 -36.11 -17.44
C ARG F 45 5.22 -36.02 -18.93
N TRP F 46 6.37 -36.53 -19.37
CA TRP F 46 6.72 -36.51 -20.79
C TRP F 46 7.59 -37.69 -21.20
N SER F 47 7.43 -38.15 -22.45
CA SER F 47 8.17 -39.31 -22.98
C SER F 47 9.54 -38.95 -23.54
N THR F 48 10.45 -39.92 -23.58
CA THR F 48 11.82 -39.74 -24.10
C THR F 48 12.17 -40.88 -25.08
N SER F 49 12.97 -40.59 -26.11
CA SER F 49 13.35 -41.61 -27.09
C SER F 49 14.86 -41.88 -27.13
N THR F 50 15.69 -40.83 -27.18
CA THR F 50 17.14 -40.99 -27.23
C THR F 50 17.71 -41.47 -25.90
N SER F 57 23.99 -33.72 -25.82
CA SER F 57 22.63 -33.20 -25.82
C SER F 57 22.01 -33.23 -24.42
N THR F 58 21.26 -32.18 -24.06
CA THR F 58 20.63 -32.08 -22.75
C THR F 58 19.18 -31.62 -22.90
N LEU F 59 18.28 -32.21 -22.11
CA LEU F 59 16.86 -31.91 -22.16
C LEU F 59 16.40 -31.19 -20.90
N GLN F 60 15.51 -30.20 -21.06
CA GLN F 60 15.05 -29.41 -19.91
C GLN F 60 13.67 -28.83 -20.20
N LEU F 61 12.70 -29.05 -19.30
CA LEU F 61 11.37 -28.50 -19.49
C LEU F 61 11.38 -27.02 -19.15
N ARG F 62 10.80 -26.19 -20.03
CA ARG F 62 10.72 -24.74 -19.83
C ARG F 62 9.25 -24.32 -19.85
N TYR F 63 8.86 -23.40 -18.96
CA TYR F 63 7.48 -22.96 -18.90
C TYR F 63 7.33 -21.45 -18.74
N HIS F 64 6.20 -20.93 -19.19
CA HIS F 64 5.86 -19.52 -19.05
C HIS F 64 4.46 -19.49 -18.44
N ARG F 65 4.31 -18.80 -17.30
CA ARG F 65 3.02 -18.73 -16.64
C ARG F 65 2.26 -17.46 -17.00
N SER F 66 1.02 -17.62 -17.46
CA SER F 66 0.14 -16.50 -17.80
C SER F 66 -0.53 -15.98 -16.52
N SER F 67 -0.93 -14.70 -16.50
CA SER F 67 -1.60 -14.13 -15.34
C SER F 67 -2.96 -14.81 -15.14
N LEU F 68 -3.68 -15.02 -16.25
CA LEU F 68 -4.97 -15.70 -16.25
C LEU F 68 -5.19 -16.40 -17.59
N TYR F 69 -5.73 -17.63 -17.52
CA TYR F 69 -6.11 -18.49 -18.63
C TYR F 69 -5.00 -18.75 -19.69
N CYS F 70 -5.29 -19.68 -20.61
CA CYS F 70 -4.38 -20.05 -21.69
C CYS F 70 -4.63 -19.22 -22.95
N SER F 71 -3.57 -18.97 -23.74
CA SER F 71 -3.72 -18.26 -25.00
C SER F 71 -4.43 -19.16 -26.00
N ASP F 72 -5.15 -18.56 -26.97
CA ASP F 72 -5.86 -19.36 -27.99
C ASP F 72 -4.87 -20.21 -28.81
N ILE F 73 -3.67 -19.67 -29.06
CA ILE F 73 -2.62 -20.37 -29.78
C ILE F 73 -1.35 -20.33 -28.94
N PRO F 74 -0.89 -21.48 -28.44
CA PRO F 74 0.33 -21.48 -27.61
C PRO F 74 1.57 -21.18 -28.43
N SER F 75 2.56 -20.50 -27.83
CA SER F 75 3.78 -20.15 -28.53
C SER F 75 4.97 -20.07 -27.58
N ILE F 76 6.19 -20.19 -28.14
CA ILE F 76 7.40 -20.08 -27.34
C ILE F 76 7.56 -18.61 -26.95
N HIS F 77 7.76 -18.35 -25.66
CA HIS F 77 7.91 -16.98 -25.19
C HIS F 77 9.37 -16.72 -24.81
N PRO F 78 9.88 -15.51 -25.12
CA PRO F 78 11.30 -15.23 -24.80
C PRO F 78 11.62 -15.34 -23.32
N ILE F 79 10.68 -14.95 -22.45
CA ILE F 79 10.88 -15.04 -21.01
C ILE F 79 10.32 -16.37 -20.50
N SER F 80 11.20 -17.29 -20.09
CA SER F 80 10.76 -18.58 -19.60
C SER F 80 11.59 -19.05 -18.41
N GLU F 81 11.06 -19.99 -17.62
CA GLU F 81 11.77 -20.52 -16.47
C GLU F 81 11.88 -22.04 -16.59
N PRO F 82 12.99 -22.62 -16.13
CA PRO F 82 13.11 -24.08 -16.19
C PRO F 82 12.38 -24.75 -15.04
N LYS F 83 12.05 -26.03 -15.21
CA LYS F 83 11.36 -26.80 -14.19
C LYS F 83 12.13 -28.06 -13.88
N ASP F 84 12.27 -28.38 -12.60
CA ASP F 84 13.00 -29.56 -12.17
C ASP F 84 12.17 -30.81 -12.40
N CYS F 85 12.63 -31.64 -13.34
CA CYS F 85 11.96 -32.88 -13.69
C CYS F 85 12.83 -34.06 -13.28
N TYR F 86 12.22 -35.11 -12.75
CA TYR F 86 12.98 -36.27 -12.26
C TYR F 86 12.59 -37.53 -13.00
N LEU F 87 13.59 -38.27 -13.48
CA LEU F 87 13.37 -39.50 -14.23
C LEU F 87 12.83 -40.60 -13.33
N GLN F 88 11.69 -41.19 -13.72
CA GLN F 88 11.06 -42.27 -12.96
C GLN F 88 11.43 -43.64 -13.53
N SER F 89 11.15 -44.71 -12.77
CA SER F 89 11.45 -46.09 -13.17
C SER F 89 10.82 -46.49 -14.49
N ASP F 90 9.66 -45.92 -14.82
CA ASP F 90 8.99 -46.23 -16.09
C ASP F 90 9.56 -45.48 -17.32
N GLY F 91 10.63 -44.70 -17.13
CA GLY F 91 11.25 -43.96 -18.22
C GLY F 91 10.65 -42.60 -18.48
N PHE F 92 9.69 -42.16 -17.66
CA PHE F 92 9.06 -40.85 -17.83
C PHE F 92 9.60 -39.85 -16.83
N TYR F 93 9.73 -38.60 -17.25
CA TYR F 93 10.16 -37.53 -16.37
C TYR F 93 8.90 -36.99 -15.66
N GLU F 94 8.99 -36.75 -14.34
CA GLU F 94 7.86 -36.24 -13.53
C GLU F 94 8.19 -34.89 -12.89
N CYS F 95 7.51 -33.82 -13.33
CA CYS F 95 7.78 -32.49 -12.81
C CYS F 95 6.58 -32.05 -11.98
N ILE F 96 6.82 -31.57 -10.75
CA ILE F 96 5.74 -31.18 -9.86
C ILE F 96 5.70 -29.67 -9.62
N PHE F 97 4.56 -29.05 -9.95
CA PHE F 97 4.32 -27.62 -9.75
C PHE F 97 3.57 -27.45 -8.45
N GLN F 98 4.25 -26.96 -7.42
CA GLN F 98 3.62 -26.78 -6.10
C GLN F 98 4.26 -25.58 -5.40
N PRO F 99 3.47 -24.57 -4.96
CA PRO F 99 2.00 -24.45 -5.06
C PRO F 99 1.51 -24.21 -6.48
N ILE F 100 0.19 -24.32 -6.70
CA ILE F 100 -0.37 -24.17 -8.02
C ILE F 100 -1.29 -22.95 -8.13
N PHE F 101 -1.29 -22.29 -9.30
CA PHE F 101 -2.17 -21.18 -9.62
C PHE F 101 -3.22 -21.78 -10.54
N LEU F 102 -4.37 -22.18 -9.97
CA LEU F 102 -5.44 -22.90 -10.66
C LEU F 102 -5.92 -22.29 -11.96
N LEU F 103 -6.00 -20.96 -12.06
CA LEU F 103 -6.49 -20.34 -13.28
C LEU F 103 -5.42 -19.61 -14.08
N SER F 104 -4.16 -20.05 -13.97
CA SER F 104 -3.05 -19.46 -14.75
C SER F 104 -2.71 -20.37 -15.92
N GLY F 105 -2.40 -19.79 -17.07
CA GLY F 105 -2.05 -20.57 -18.25
C GLY F 105 -0.60 -21.00 -18.29
N TYR F 106 -0.33 -22.29 -18.01
CA TYR F 106 1.05 -22.78 -18.03
C TYR F 106 1.45 -23.26 -19.43
N THR F 107 2.23 -22.44 -20.18
CA THR F 107 2.69 -22.79 -21.53
C THR F 107 4.04 -23.51 -21.42
N MET F 108 4.09 -24.81 -21.73
CA MET F 108 5.31 -25.61 -21.57
C MET F 108 5.88 -26.14 -22.87
N TRP F 109 7.18 -26.43 -22.86
CA TRP F 109 7.91 -27.02 -23.98
C TRP F 109 9.23 -27.63 -23.51
N ILE F 110 9.87 -28.47 -24.34
CA ILE F 110 11.13 -29.10 -23.98
C ILE F 110 12.28 -28.49 -24.75
N ARG F 111 13.22 -27.85 -24.03
CA ARG F 111 14.38 -27.26 -24.67
C ARG F 111 15.41 -28.35 -24.88
N ILE F 112 15.75 -28.58 -26.14
CA ILE F 112 16.71 -29.59 -26.52
C ILE F 112 17.98 -28.88 -26.90
N GLN F 113 18.90 -28.83 -25.94
CA GLN F 113 20.15 -28.15 -26.12
C GLN F 113 21.20 -29.19 -26.45
N HIS F 114 21.35 -29.49 -27.73
CA HIS F 114 22.34 -30.48 -28.17
C HIS F 114 23.79 -29.93 -28.04
N SER F 115 24.80 -30.73 -28.40
CA SER F 115 26.23 -30.37 -28.31
C SER F 115 26.55 -28.91 -28.72
N LEU F 116 25.87 -28.39 -29.74
CA LEU F 116 26.08 -27.01 -30.18
C LEU F 116 24.84 -26.47 -30.89
N GLY F 117 23.83 -26.07 -30.11
CA GLY F 117 22.59 -25.53 -30.67
C GLY F 117 21.36 -25.82 -29.84
N SER F 118 20.25 -25.11 -30.10
CA SER F 118 19.01 -25.28 -29.35
C SER F 118 17.82 -25.55 -30.25
N LEU F 119 16.81 -26.26 -29.72
CA LEU F 119 15.57 -26.55 -30.43
C LEU F 119 14.43 -26.82 -29.45
N ASP F 120 13.35 -26.05 -29.56
CA ASP F 120 12.19 -26.17 -28.68
C ASP F 120 11.08 -27.03 -29.27
N SER F 121 10.54 -27.97 -28.47
CA SER F 121 9.43 -28.84 -28.89
C SER F 121 8.14 -28.01 -28.99
N PRO F 122 7.10 -28.48 -29.71
CA PRO F 122 5.86 -27.69 -29.84
C PRO F 122 5.26 -27.32 -28.48
N PRO F 123 5.01 -26.03 -28.26
CA PRO F 123 4.47 -25.60 -26.96
C PRO F 123 3.00 -25.93 -26.77
N THR F 124 2.64 -26.36 -25.56
CA THR F 124 1.24 -26.64 -25.22
C THR F 124 0.90 -25.90 -23.93
N CYS F 125 -0.29 -25.31 -23.87
CA CYS F 125 -0.71 -24.57 -22.70
C CYS F 125 -1.71 -25.38 -21.90
N VAL F 126 -1.54 -25.41 -20.57
CA VAL F 126 -2.44 -26.16 -19.71
C VAL F 126 -2.96 -25.31 -18.56
N LEU F 127 -4.27 -25.37 -18.29
CA LEU F 127 -4.90 -24.65 -17.19
C LEU F 127 -5.07 -25.67 -16.07
N PRO F 128 -4.43 -25.47 -14.91
CA PRO F 128 -4.52 -26.48 -13.85
C PRO F 128 -5.92 -26.84 -13.37
N ASP F 129 -6.87 -25.90 -13.39
CA ASP F 129 -8.24 -26.18 -12.96
C ASP F 129 -8.96 -27.14 -13.90
N SER F 130 -8.60 -27.14 -15.20
CA SER F 130 -9.24 -28.05 -16.15
C SER F 130 -8.56 -29.42 -16.28
N VAL F 131 -7.50 -29.69 -15.49
CA VAL F 131 -6.85 -31.00 -15.51
C VAL F 131 -6.86 -31.69 -14.13
N VAL F 132 -7.85 -31.35 -13.31
CA VAL F 132 -7.99 -31.92 -11.99
C VAL F 132 -8.56 -33.32 -12.08
N LYS F 133 -7.94 -34.27 -11.38
CA LYS F 133 -8.51 -35.62 -11.29
C LYS F 133 -9.12 -35.67 -9.90
N PRO F 134 -10.45 -35.61 -9.80
CA PRO F 134 -11.08 -35.58 -8.49
C PRO F 134 -10.90 -36.85 -7.69
N LEU F 135 -11.08 -36.73 -6.39
CA LEU F 135 -11.01 -37.87 -5.49
C LEU F 135 -12.28 -38.72 -5.74
N PRO F 136 -12.22 -40.06 -5.56
CA PRO F 136 -13.41 -40.89 -5.79
C PRO F 136 -14.50 -40.61 -4.75
N PRO F 137 -15.79 -40.59 -5.14
CA PRO F 137 -16.86 -40.34 -4.17
C PRO F 137 -16.82 -41.28 -2.97
N SER F 138 -17.11 -40.75 -1.79
CA SER F 138 -17.01 -41.52 -0.56
C SER F 138 -18.37 -41.87 0.07
N SER F 139 -18.37 -42.79 1.04
CA SER F 139 -19.58 -43.23 1.75
C SER F 139 -20.62 -43.80 0.80
N VAL F 140 -20.20 -44.72 -0.08
CA VAL F 140 -21.11 -45.35 -1.03
C VAL F 140 -21.98 -46.38 -0.32
N LYS F 141 -23.31 -46.25 -0.46
CA LYS F 141 -24.26 -47.17 0.16
C LYS F 141 -25.21 -47.74 -0.89
N ALA F 142 -25.45 -49.05 -0.85
CA ALA F 142 -26.36 -49.71 -1.79
C ALA F 142 -27.40 -50.49 -0.99
N GLU F 143 -28.65 -50.00 -0.98
CA GLU F 143 -29.73 -50.60 -0.21
C GLU F 143 -30.93 -50.99 -1.08
N ILE F 144 -31.42 -52.24 -0.95
CA ILE F 144 -32.59 -52.67 -1.70
C ILE F 144 -33.82 -52.64 -0.80
N THR F 145 -34.79 -51.79 -1.13
CA THR F 145 -36.04 -51.72 -0.38
C THR F 145 -37.04 -52.57 -1.12
N ILE F 146 -37.48 -53.68 -0.51
CA ILE F 146 -38.40 -54.63 -1.12
C ILE F 146 -39.75 -54.00 -1.51
N ASN F 147 -40.37 -53.22 -0.61
CA ASN F 147 -41.65 -52.57 -0.89
C ASN F 147 -41.63 -51.66 -2.12
N ILE F 148 -40.49 -51.01 -2.38
CA ILE F 148 -40.33 -50.12 -3.53
C ILE F 148 -39.92 -50.93 -4.78
N GLY F 149 -39.07 -51.91 -4.59
CA GLY F 149 -38.58 -52.76 -5.68
C GLY F 149 -37.42 -52.16 -6.44
N LEU F 150 -36.69 -51.22 -5.81
CA LEU F 150 -35.57 -50.55 -6.44
C LEU F 150 -34.29 -50.65 -5.60
N LEU F 151 -33.17 -50.48 -6.28
CA LEU F 151 -31.84 -50.46 -5.72
C LEU F 151 -31.52 -48.99 -5.51
N LYS F 152 -31.42 -48.56 -4.25
CA LYS F 152 -31.10 -47.18 -3.93
C LYS F 152 -29.61 -47.07 -3.67
N ILE F 153 -28.93 -46.21 -4.46
CA ILE F 153 -27.49 -45.99 -4.35
C ILE F 153 -27.24 -44.57 -3.91
N SER F 154 -26.54 -44.39 -2.79
CA SER F 154 -26.21 -43.07 -2.28
C SER F 154 -24.70 -42.91 -2.10
N TRP F 155 -24.22 -41.67 -2.07
CA TRP F 155 -22.80 -41.37 -1.94
C TRP F 155 -22.59 -39.91 -1.49
N GLU F 156 -21.33 -39.53 -1.26
CA GLU F 156 -20.98 -38.17 -0.90
C GLU F 156 -19.97 -37.64 -1.91
N LYS F 157 -20.21 -36.42 -2.38
CA LYS F 157 -19.38 -35.71 -3.33
C LYS F 157 -17.99 -35.45 -2.73
N PRO F 158 -16.89 -35.65 -3.50
CA PRO F 158 -15.56 -35.36 -2.97
C PRO F 158 -15.42 -33.85 -2.71
N VAL F 159 -14.72 -33.47 -1.63
CA VAL F 159 -14.52 -32.07 -1.23
C VAL F 159 -14.16 -31.14 -2.42
N PHE F 160 -13.17 -31.55 -3.23
CA PHE F 160 -12.77 -30.79 -4.41
C PHE F 160 -12.97 -31.60 -5.69
N PRO F 161 -13.25 -30.95 -6.83
CA PRO F 161 -13.39 -29.50 -7.01
C PRO F 161 -14.76 -28.96 -6.59
N GLU F 162 -14.90 -27.63 -6.53
CA GLU F 162 -16.17 -26.98 -6.16
C GLU F 162 -17.15 -26.84 -7.34
N ASN F 163 -16.73 -27.22 -8.56
CA ASN F 163 -17.54 -27.18 -9.77
C ASN F 163 -18.64 -28.24 -9.77
N ASN F 164 -19.62 -28.11 -10.67
CA ASN F 164 -20.68 -29.10 -10.81
C ASN F 164 -20.09 -30.44 -11.27
N LEU F 165 -20.66 -31.57 -10.82
CA LEU F 165 -20.13 -32.88 -11.17
C LEU F 165 -21.16 -33.81 -11.82
N GLN F 166 -20.69 -34.67 -12.72
CA GLN F 166 -21.49 -35.73 -13.33
C GLN F 166 -21.01 -37.05 -12.71
N PHE F 167 -21.92 -37.99 -12.47
CA PHE F 167 -21.56 -39.26 -11.85
C PHE F 167 -21.85 -40.45 -12.74
N GLN F 168 -21.06 -41.49 -12.60
CA GLN F 168 -21.24 -42.72 -13.35
C GLN F 168 -21.32 -43.84 -12.33
N ILE F 169 -22.34 -44.68 -12.45
CA ILE F 169 -22.55 -45.78 -11.52
C ILE F 169 -22.50 -47.09 -12.26
N ARG F 170 -21.70 -48.04 -11.78
CA ARG F 170 -21.68 -49.37 -12.36
C ARG F 170 -22.14 -50.39 -11.35
N TYR F 171 -23.01 -51.29 -11.77
CA TYR F 171 -23.58 -52.29 -10.89
C TYR F 171 -23.76 -53.62 -11.62
N GLY F 172 -23.56 -54.72 -10.89
CA GLY F 172 -23.71 -56.05 -11.45
C GLY F 172 -23.67 -57.14 -10.39
N LEU F 173 -23.96 -58.39 -10.79
CA LEU F 173 -23.96 -59.54 -9.89
C LEU F 173 -22.62 -59.74 -9.21
N SER F 174 -22.61 -59.85 -7.88
CA SER F 174 -21.39 -60.03 -7.11
C SER F 174 -20.78 -61.40 -7.32
N GLY F 175 -19.71 -61.44 -8.10
CA GLY F 175 -18.98 -62.67 -8.39
C GLY F 175 -17.55 -62.38 -8.81
N LYS F 176 -16.96 -63.27 -9.61
CA LYS F 176 -15.59 -63.05 -10.10
C LYS F 176 -15.63 -62.30 -11.42
N GLU F 177 -16.54 -62.70 -12.31
CA GLU F 177 -16.71 -62.03 -13.60
C GLU F 177 -18.00 -61.21 -13.56
N VAL F 178 -17.92 -59.99 -13.02
CA VAL F 178 -19.10 -59.12 -12.89
C VAL F 178 -19.51 -58.55 -14.24
N GLN F 179 -20.80 -58.68 -14.59
CA GLN F 179 -21.34 -58.10 -15.81
C GLN F 179 -21.84 -56.71 -15.42
N TRP F 180 -21.13 -55.65 -15.83
CA TRP F 180 -21.49 -54.29 -15.43
C TRP F 180 -22.58 -53.63 -16.26
N LYS F 181 -23.52 -52.99 -15.57
CA LYS F 181 -24.54 -52.16 -16.16
C LYS F 181 -24.15 -50.72 -15.80
N MET F 182 -24.12 -49.83 -16.79
CA MET F 182 -23.68 -48.45 -16.56
C MET F 182 -24.83 -47.45 -16.50
N TYR F 183 -24.80 -46.52 -15.55
CA TYR F 183 -25.82 -45.47 -15.47
C TYR F 183 -25.15 -44.11 -15.22
N GLU F 184 -25.63 -43.05 -15.89
CA GLU F 184 -25.05 -41.72 -15.73
C GLU F 184 -26.02 -40.73 -15.11
N VAL F 185 -25.54 -39.94 -14.13
CA VAL F 185 -26.34 -38.92 -13.45
C VAL F 185 -25.76 -37.55 -13.73
N TYR F 186 -26.55 -36.63 -14.28
CA TYR F 186 -26.05 -35.31 -14.63
C TYR F 186 -26.55 -34.20 -13.69
N ASP F 187 -27.45 -34.50 -12.74
CA ASP F 187 -27.92 -33.49 -11.79
C ASP F 187 -26.78 -33.30 -10.81
N ALA F 188 -26.22 -32.08 -10.75
CA ALA F 188 -25.11 -31.78 -9.86
C ALA F 188 -25.53 -31.80 -8.39
N LYS F 189 -26.77 -31.37 -8.11
CA LYS F 189 -27.31 -31.35 -6.75
C LYS F 189 -27.93 -32.70 -6.35
N SER F 190 -27.40 -33.80 -6.87
CA SER F 190 -27.92 -35.13 -6.56
C SER F 190 -26.93 -35.98 -5.81
N LYS F 191 -27.41 -36.73 -4.80
CA LYS F 191 -26.58 -37.65 -4.00
C LYS F 191 -27.25 -39.02 -3.78
N SER F 192 -28.35 -39.33 -4.50
CA SER F 192 -29.06 -40.60 -4.36
C SER F 192 -29.82 -40.97 -5.65
N VAL F 193 -29.65 -42.20 -6.14
CA VAL F 193 -30.30 -42.69 -7.36
C VAL F 193 -30.98 -44.05 -7.13
N SER F 194 -32.18 -44.27 -7.67
CA SER F 194 -32.87 -45.55 -7.53
C SER F 194 -33.04 -46.25 -8.89
N LEU F 195 -32.44 -47.43 -9.04
CA LEU F 195 -32.45 -48.18 -10.30
C LEU F 195 -33.14 -49.54 -10.19
N PRO F 196 -33.68 -50.08 -11.29
CA PRO F 196 -34.34 -51.40 -11.20
C PRO F 196 -33.38 -52.57 -11.38
N VAL F 197 -33.69 -53.68 -10.72
CA VAL F 197 -32.88 -54.90 -10.80
C VAL F 197 -33.76 -56.11 -11.11
N PRO F 198 -33.22 -57.12 -11.82
CA PRO F 198 -34.03 -58.31 -12.14
C PRO F 198 -34.32 -59.21 -10.93
N ASP F 199 -33.47 -59.15 -9.89
CA ASP F 199 -33.67 -59.99 -8.72
C ASP F 199 -33.39 -59.20 -7.44
N LEU F 200 -34.45 -58.94 -6.66
CA LEU F 200 -34.32 -58.18 -5.40
C LEU F 200 -33.58 -58.93 -4.29
N SER F 201 -33.36 -60.23 -4.45
CA SER F 201 -32.66 -61.05 -3.46
C SER F 201 -31.16 -61.11 -3.69
N ALA F 202 -30.73 -61.03 -4.96
CA ALA F 202 -29.33 -61.13 -5.35
C ALA F 202 -28.43 -60.06 -4.73
N VAL F 203 -27.14 -60.37 -4.58
CA VAL F 203 -26.19 -59.43 -4.02
C VAL F 203 -25.51 -58.71 -5.17
N TYR F 204 -25.59 -57.38 -5.18
CA TYR F 204 -24.99 -56.59 -6.25
C TYR F 204 -23.86 -55.71 -5.76
N ALA F 205 -22.78 -55.63 -6.54
CA ALA F 205 -21.62 -54.78 -6.25
C ALA F 205 -21.83 -53.46 -6.97
N VAL F 206 -21.65 -52.33 -6.26
CA VAL F 206 -21.87 -51.01 -6.83
C VAL F 206 -20.64 -50.12 -6.67
N GLN F 207 -20.23 -49.46 -7.76
CA GLN F 207 -19.11 -48.52 -7.72
C GLN F 207 -19.51 -47.22 -8.39
N VAL F 208 -19.04 -46.08 -7.86
CA VAL F 208 -19.38 -44.77 -8.40
C VAL F 208 -18.10 -43.97 -8.70
N ARG F 209 -18.11 -43.18 -9.76
CA ARG F 209 -17.01 -42.28 -10.09
C ARG F 209 -17.56 -40.95 -10.58
N CYS F 210 -16.75 -39.88 -10.51
CA CYS F 210 -17.22 -38.55 -10.90
C CYS F 210 -16.24 -37.79 -11.79
N LYS F 211 -16.74 -36.79 -12.53
CA LYS F 211 -15.98 -35.91 -13.41
C LYS F 211 -16.65 -34.54 -13.44
N ARG F 212 -15.91 -33.47 -13.78
CA ARG F 212 -16.50 -32.14 -13.87
C ARG F 212 -17.58 -32.13 -14.96
N LEU F 213 -18.77 -31.61 -14.63
CA LEU F 213 -19.94 -31.59 -15.49
C LEU F 213 -19.67 -30.92 -16.83
N ASP F 214 -18.82 -29.89 -16.85
CA ASP F 214 -18.48 -29.21 -18.09
C ASP F 214 -17.49 -29.97 -18.99
N GLY F 215 -16.96 -31.09 -18.51
CA GLY F 215 -16.02 -31.90 -19.27
C GLY F 215 -14.56 -31.52 -19.09
N LEU F 216 -14.29 -30.35 -18.50
CA LEU F 216 -12.92 -29.89 -18.30
C LEU F 216 -12.30 -30.55 -17.08
N GLY F 217 -11.91 -31.80 -17.19
CA GLY F 217 -11.30 -32.53 -16.09
C GLY F 217 -11.27 -34.03 -16.30
N TYR F 218 -10.55 -34.74 -15.44
CA TYR F 218 -10.43 -36.18 -15.54
C TYR F 218 -11.49 -36.90 -14.72
N TRP F 219 -11.70 -38.19 -14.99
CA TRP F 219 -12.61 -39.00 -14.20
C TRP F 219 -11.86 -39.45 -12.95
N SER F 220 -12.55 -39.49 -11.82
CA SER F 220 -11.98 -40.01 -10.59
C SER F 220 -11.88 -41.53 -10.70
N ASN F 221 -11.12 -42.17 -9.80
CA ASN F 221 -11.07 -43.63 -9.74
C ASN F 221 -12.44 -44.15 -9.27
N TRP F 222 -12.76 -45.42 -9.57
CA TRP F 222 -14.01 -46.00 -9.10
C TRP F 222 -13.93 -46.18 -7.60
N SER F 223 -15.00 -45.83 -6.88
CA SER F 223 -15.03 -45.97 -5.42
C SER F 223 -14.91 -47.42 -4.99
N ASN F 224 -14.65 -47.65 -3.68
CA ASN F 224 -14.58 -49.00 -3.14
C ASN F 224 -15.97 -49.65 -3.27
N PRO F 225 -16.04 -50.89 -3.77
CA PRO F 225 -17.35 -51.51 -3.99
C PRO F 225 -18.24 -51.58 -2.76
N ALA F 226 -19.51 -51.19 -2.93
CA ALA F 226 -20.51 -51.26 -1.89
C ALA F 226 -21.42 -52.44 -2.20
N TYR F 227 -21.79 -53.23 -1.19
CA TYR F 227 -22.64 -54.41 -1.41
C TYR F 227 -24.04 -54.23 -0.85
N THR F 228 -25.05 -54.75 -1.58
CA THR F 228 -26.45 -54.63 -1.18
C THR F 228 -26.76 -55.39 0.09
N VAL F 229 -27.41 -54.71 1.04
CA VAL F 229 -27.79 -55.26 2.35
C VAL F 229 -29.28 -54.97 2.66
#